data_1A7G
# 
_entry.id   1A7G 
# 
_audit_conform.dict_name       mmcif_pdbx.dic 
_audit_conform.dict_version    5.389 
_audit_conform.dict_location   http://mmcif.pdb.org/dictionaries/ascii/mmcif_pdbx.dic 
# 
loop_
_database_2.database_id 
_database_2.database_code 
_database_2.pdbx_database_accession 
_database_2.pdbx_DOI 
PDB   1A7G         pdb_00001a7g 10.2210/pdb1a7g/pdb 
WWPDB D_1000170487 ?            ?                   
# 
loop_
_pdbx_audit_revision_history.ordinal 
_pdbx_audit_revision_history.data_content_type 
_pdbx_audit_revision_history.major_revision 
_pdbx_audit_revision_history.minor_revision 
_pdbx_audit_revision_history.revision_date 
1 'Structure model' 1 0 1999-04-27 
2 'Structure model' 1 1 2008-03-24 
3 'Structure model' 1 2 2011-07-13 
4 'Structure model' 1 3 2024-02-07 
5 'Structure model' 1 4 2024-04-03 
# 
_pdbx_audit_revision_details.ordinal             1 
_pdbx_audit_revision_details.revision_ordinal    1 
_pdbx_audit_revision_details.data_content_type   'Structure model' 
_pdbx_audit_revision_details.provider            repository 
_pdbx_audit_revision_details.type                'Initial release' 
_pdbx_audit_revision_details.description         ? 
_pdbx_audit_revision_details.details             ? 
# 
loop_
_pdbx_audit_revision_group.ordinal 
_pdbx_audit_revision_group.revision_ordinal 
_pdbx_audit_revision_group.data_content_type 
_pdbx_audit_revision_group.group 
1 2 'Structure model' 'Version format compliance' 
2 3 'Structure model' 'Derived calculations'      
3 3 'Structure model' 'Version format compliance' 
4 4 'Structure model' 'Data collection'           
5 4 'Structure model' 'Database references'       
6 4 'Structure model' 'Derived calculations'      
7 4 'Structure model' Other                       
8 5 'Structure model' 'Refinement description'    
# 
loop_
_pdbx_audit_revision_category.ordinal 
_pdbx_audit_revision_category.revision_ordinal 
_pdbx_audit_revision_category.data_content_type 
_pdbx_audit_revision_category.category 
1 4 'Structure model' chem_comp_atom                
2 4 'Structure model' chem_comp_bond                
3 4 'Structure model' database_2                    
4 4 'Structure model' pdbx_database_status          
5 4 'Structure model' struct_ref_seq_dif            
6 4 'Structure model' struct_site                   
7 5 'Structure model' pdbx_initial_refinement_model 
# 
loop_
_pdbx_audit_revision_item.ordinal 
_pdbx_audit_revision_item.revision_ordinal 
_pdbx_audit_revision_item.data_content_type 
_pdbx_audit_revision_item.item 
1 4 'Structure model' '_database_2.pdbx_DOI'                
2 4 'Structure model' '_database_2.pdbx_database_accession' 
3 4 'Structure model' '_pdbx_database_status.process_site'  
4 4 'Structure model' '_struct_ref_seq_dif.details'         
5 4 'Structure model' '_struct_site.pdbx_auth_asym_id'      
6 4 'Structure model' '_struct_site.pdbx_auth_comp_id'      
7 4 'Structure model' '_struct_site.pdbx_auth_seq_id'       
# 
_pdbx_database_status.status_code                     REL 
_pdbx_database_status.entry_id                        1A7G 
_pdbx_database_status.recvd_initial_deposition_date   1998-03-13 
_pdbx_database_status.deposit_site                    ? 
_pdbx_database_status.process_site                    BNL 
_pdbx_database_status.SG_entry                        . 
_pdbx_database_status.pdb_format_compatible           Y 
_pdbx_database_status.status_code_mr                  ? 
_pdbx_database_status.status_code_sf                  ? 
_pdbx_database_status.status_code_cs                  ? 
_pdbx_database_status.status_code_nmr_data            ? 
_pdbx_database_status.methods_development_category    ? 
# 
loop_
_audit_author.name 
_audit_author.pdbx_ordinal 
'Bussiere, D.E.' 1 
'Giranda, V.L.'  2 
# 
_citation.id                        primary 
_citation.title                     'Structure of the E2 DNA-binding domain from human papillomavirus serotype 31 at 2.4 A.' 
_citation.journal_abbrev            'Acta Crystallogr.,Sect.D' 
_citation.journal_volume            54 
_citation.page_first                1367 
_citation.page_last                 1376 
_citation.year                      1998 
_citation.journal_id_ASTM           ABCRE6 
_citation.country                   DK 
_citation.journal_id_ISSN           0907-4449 
_citation.journal_id_CSD            0766 
_citation.book_publisher            ? 
_citation.pdbx_database_id_PubMed   10089498 
_citation.pdbx_database_id_DOI      10.1107/S0907444998005587 
# 
loop_
_citation_author.citation_id 
_citation_author.name 
_citation_author.ordinal 
_citation_author.identifier_ORCID 
primary 'Bussiere, D.E.' 1 ? 
primary 'Kong, X.'       2 ? 
primary 'Egan, D.A.'     3 ? 
primary 'Walter, K.'     4 ? 
primary 'Holzman, T.F.'  5 ? 
primary 'Lindh, F.'      6 ? 
primary 'Robins, T.'     7 ? 
primary 'Giranda, V.L.'  8 ? 
# 
loop_
_entity.id 
_entity.type 
_entity.src_method 
_entity.pdbx_description 
_entity.formula_weight 
_entity.pdbx_number_of_molecules 
_entity.pdbx_ec 
_entity.pdbx_mutation 
_entity.pdbx_fragment 
_entity.details 
1 polymer     man 'REGULATORY PROTEIN E2' 9362.728 1  ? ? 'DNA-BINDING DOMAIN' ? 
2 non-polymer syn 'SULFATE ION'           96.063   2  ? ? ?                    ? 
3 water       nat water                   18.015   74 ? ? ?                    ? 
# 
_entity_name_com.entity_id   1 
_entity_name_com.name        'E2 DBD' 
# 
_entity_poly.entity_id                      1 
_entity_poly.type                           'polypeptide(L)' 
_entity_poly.nstd_linkage                   no 
_entity_poly.nstd_monomer                   no 
_entity_poly.pdbx_seq_one_letter_code       
;ATTPIIHLKGDANILKCLRYRLSKYKQLYEQVSSTWHWTCTDGKHKNAIVTLTYISTSQRDDFLNTVVIPNTVSVSTGYM
TI
;
_entity_poly.pdbx_seq_one_letter_code_can   
;ATTPIIHLKGDANILKCLRYRLSKYKQLYEQVSSTWHWTCTDGKHKNAIVTLTYISTSQRDDFLNTVVIPNTVSVSTGYM
TI
;
_entity_poly.pdbx_strand_id                 E 
_entity_poly.pdbx_target_identifier         ? 
# 
loop_
_pdbx_entity_nonpoly.entity_id 
_pdbx_entity_nonpoly.name 
_pdbx_entity_nonpoly.comp_id 
2 'SULFATE ION' SO4 
3 water         HOH 
# 
loop_
_entity_poly_seq.entity_id 
_entity_poly_seq.num 
_entity_poly_seq.mon_id 
_entity_poly_seq.hetero 
1 1  ALA n 
1 2  THR n 
1 3  THR n 
1 4  PRO n 
1 5  ILE n 
1 6  ILE n 
1 7  HIS n 
1 8  LEU n 
1 9  LYS n 
1 10 GLY n 
1 11 ASP n 
1 12 ALA n 
1 13 ASN n 
1 14 ILE n 
1 15 LEU n 
1 16 LYS n 
1 17 CYS n 
1 18 LEU n 
1 19 ARG n 
1 20 TYR n 
1 21 ARG n 
1 22 LEU n 
1 23 SER n 
1 24 LYS n 
1 25 TYR n 
1 26 LYS n 
1 27 GLN n 
1 28 LEU n 
1 29 TYR n 
1 30 GLU n 
1 31 GLN n 
1 32 VAL n 
1 33 SER n 
1 34 SER n 
1 35 THR n 
1 36 TRP n 
1 37 HIS n 
1 38 TRP n 
1 39 THR n 
1 40 CYS n 
1 41 THR n 
1 42 ASP n 
1 43 GLY n 
1 44 LYS n 
1 45 HIS n 
1 46 LYS n 
1 47 ASN n 
1 48 ALA n 
1 49 ILE n 
1 50 VAL n 
1 51 THR n 
1 52 LEU n 
1 53 THR n 
1 54 TYR n 
1 55 ILE n 
1 56 SER n 
1 57 THR n 
1 58 SER n 
1 59 GLN n 
1 60 ARG n 
1 61 ASP n 
1 62 ASP n 
1 63 PHE n 
1 64 LEU n 
1 65 ASN n 
1 66 THR n 
1 67 VAL n 
1 68 VAL n 
1 69 ILE n 
1 70 PRO n 
1 71 ASN n 
1 72 THR n 
1 73 VAL n 
1 74 SER n 
1 75 VAL n 
1 76 SER n 
1 77 THR n 
1 78 GLY n 
1 79 TYR n 
1 80 MET n 
1 81 THR n 
1 82 ILE n 
# 
_entity_src_gen.entity_id                          1 
_entity_src_gen.pdbx_src_id                        1 
_entity_src_gen.pdbx_alt_source_flag               sample 
_entity_src_gen.pdbx_seq_type                      ? 
_entity_src_gen.pdbx_beg_seq_num                   ? 
_entity_src_gen.pdbx_end_seq_num                   ? 
_entity_src_gen.gene_src_common_name               ? 
_entity_src_gen.gene_src_genus                     Alphapapillomavirus 
_entity_src_gen.pdbx_gene_src_gene                 E2 
_entity_src_gen.gene_src_species                   'Human papillomavirus - 16' 
_entity_src_gen.gene_src_strain                    SEROTYPE-31 
_entity_src_gen.gene_src_tissue                    ? 
_entity_src_gen.gene_src_tissue_fraction           ? 
_entity_src_gen.gene_src_details                   ? 
_entity_src_gen.pdbx_gene_src_fragment             ? 
_entity_src_gen.pdbx_gene_src_scientific_name      'Human papillomavirus type 31' 
_entity_src_gen.pdbx_gene_src_ncbi_taxonomy_id     10585 
_entity_src_gen.pdbx_gene_src_variant              ? 
_entity_src_gen.pdbx_gene_src_cell_line            BL21 
_entity_src_gen.pdbx_gene_src_atcc                 ? 
_entity_src_gen.pdbx_gene_src_organ                ? 
_entity_src_gen.pdbx_gene_src_organelle            ? 
_entity_src_gen.pdbx_gene_src_cell                 ? 
_entity_src_gen.pdbx_gene_src_cellular_location    ? 
_entity_src_gen.host_org_common_name               ? 
_entity_src_gen.pdbx_host_org_scientific_name      'Escherichia coli' 
_entity_src_gen.pdbx_host_org_ncbi_taxonomy_id     562 
_entity_src_gen.host_org_genus                     Escherichia 
_entity_src_gen.pdbx_host_org_gene                 ? 
_entity_src_gen.pdbx_host_org_organ                ? 
_entity_src_gen.host_org_species                   ? 
_entity_src_gen.pdbx_host_org_tissue               ? 
_entity_src_gen.pdbx_host_org_tissue_fraction      ? 
_entity_src_gen.pdbx_host_org_strain               'BL21 (DE3) PLYSS' 
_entity_src_gen.pdbx_host_org_variant              ? 
_entity_src_gen.pdbx_host_org_cell_line            ? 
_entity_src_gen.pdbx_host_org_atcc                 ? 
_entity_src_gen.pdbx_host_org_culture_collection   ? 
_entity_src_gen.pdbx_host_org_cell                 ? 
_entity_src_gen.pdbx_host_org_organelle            ? 
_entity_src_gen.pdbx_host_org_cellular_location    ? 
_entity_src_gen.pdbx_host_org_vector_type          ? 
_entity_src_gen.pdbx_host_org_vector               ? 
_entity_src_gen.host_org_details                   ? 
_entity_src_gen.expression_system_id               ? 
_entity_src_gen.plasmid_name                       BL21 
_entity_src_gen.plasmid_details                    ? 
_entity_src_gen.pdbx_description                   ? 
# 
loop_
_chem_comp.id 
_chem_comp.type 
_chem_comp.mon_nstd_flag 
_chem_comp.name 
_chem_comp.pdbx_synonyms 
_chem_comp.formula 
_chem_comp.formula_weight 
ALA 'L-peptide linking' y ALANINE         ? 'C3 H7 N O2'     89.093  
ARG 'L-peptide linking' y ARGININE        ? 'C6 H15 N4 O2 1' 175.209 
ASN 'L-peptide linking' y ASPARAGINE      ? 'C4 H8 N2 O3'    132.118 
ASP 'L-peptide linking' y 'ASPARTIC ACID' ? 'C4 H7 N O4'     133.103 
CYS 'L-peptide linking' y CYSTEINE        ? 'C3 H7 N O2 S'   121.158 
GLN 'L-peptide linking' y GLUTAMINE       ? 'C5 H10 N2 O3'   146.144 
GLU 'L-peptide linking' y 'GLUTAMIC ACID' ? 'C5 H9 N O4'     147.129 
GLY 'peptide linking'   y GLYCINE         ? 'C2 H5 N O2'     75.067  
HIS 'L-peptide linking' y HISTIDINE       ? 'C6 H10 N3 O2 1' 156.162 
HOH non-polymer         . WATER           ? 'H2 O'           18.015  
ILE 'L-peptide linking' y ISOLEUCINE      ? 'C6 H13 N O2'    131.173 
LEU 'L-peptide linking' y LEUCINE         ? 'C6 H13 N O2'    131.173 
LYS 'L-peptide linking' y LYSINE          ? 'C6 H15 N2 O2 1' 147.195 
MET 'L-peptide linking' y METHIONINE      ? 'C5 H11 N O2 S'  149.211 
PHE 'L-peptide linking' y PHENYLALANINE   ? 'C9 H11 N O2'    165.189 
PRO 'L-peptide linking' y PROLINE         ? 'C5 H9 N O2'     115.130 
SER 'L-peptide linking' y SERINE          ? 'C3 H7 N O3'     105.093 
SO4 non-polymer         . 'SULFATE ION'   ? 'O4 S -2'        96.063  
THR 'L-peptide linking' y THREONINE       ? 'C4 H9 N O3'     119.119 
TRP 'L-peptide linking' y TRYPTOPHAN      ? 'C11 H12 N2 O2'  204.225 
TYR 'L-peptide linking' y TYROSINE        ? 'C9 H11 N O3'    181.189 
VAL 'L-peptide linking' y VALINE          ? 'C5 H11 N O2'    117.146 
# 
loop_
_pdbx_poly_seq_scheme.asym_id 
_pdbx_poly_seq_scheme.entity_id 
_pdbx_poly_seq_scheme.seq_id 
_pdbx_poly_seq_scheme.mon_id 
_pdbx_poly_seq_scheme.ndb_seq_num 
_pdbx_poly_seq_scheme.pdb_seq_num 
_pdbx_poly_seq_scheme.auth_seq_num 
_pdbx_poly_seq_scheme.pdb_mon_id 
_pdbx_poly_seq_scheme.auth_mon_id 
_pdbx_poly_seq_scheme.pdb_strand_id 
_pdbx_poly_seq_scheme.pdb_ins_code 
_pdbx_poly_seq_scheme.hetero 
A 1 1  ALA 1  291 291 ALA ALA E . n 
A 1 2  THR 2  292 292 THR THR E . n 
A 1 3  THR 3  293 293 THR THR E . n 
A 1 4  PRO 4  294 294 PRO PRO E . n 
A 1 5  ILE 5  295 295 ILE ILE E . n 
A 1 6  ILE 6  296 296 ILE ILE E . n 
A 1 7  HIS 7  297 297 HIS HIS E . n 
A 1 8  LEU 8  298 298 LEU LEU E . n 
A 1 9  LYS 9  299 299 LYS LYS E . n 
A 1 10 GLY 10 300 300 GLY GLY E . n 
A 1 11 ASP 11 301 301 ASP ASP E . n 
A 1 12 ALA 12 302 302 ALA ALA E . n 
A 1 13 ASN 13 303 303 ASN ASN E . n 
A 1 14 ILE 14 304 304 ILE ILE E . n 
A 1 15 LEU 15 305 305 LEU LEU E . n 
A 1 16 LYS 16 306 306 LYS LYS E . n 
A 1 17 CYS 17 307 307 CYS CYS E . n 
A 1 18 LEU 18 308 308 LEU LEU E . n 
A 1 19 ARG 19 309 309 ARG ARG E . n 
A 1 20 TYR 20 310 310 TYR TYR E . n 
A 1 21 ARG 21 311 311 ARG ARG E . n 
A 1 22 LEU 22 312 312 LEU LEU E . n 
A 1 23 SER 23 313 313 SER SER E . n 
A 1 24 LYS 24 314 314 LYS LYS E . n 
A 1 25 TYR 25 315 315 TYR TYR E . n 
A 1 26 LYS 26 316 316 LYS LYS E . n 
A 1 27 GLN 27 317 317 GLN GLN E . n 
A 1 28 LEU 28 318 318 LEU LEU E . n 
A 1 29 TYR 29 319 319 TYR TYR E . n 
A 1 30 GLU 30 320 320 GLU GLU E . n 
A 1 31 GLN 31 321 321 GLN GLN E . n 
A 1 32 VAL 32 322 322 VAL VAL E . n 
A 1 33 SER 33 323 323 SER SER E . n 
A 1 34 SER 34 324 324 SER SER E . n 
A 1 35 THR 35 325 325 THR THR E . n 
A 1 36 TRP 36 326 326 TRP TRP E . n 
A 1 37 HIS 37 327 327 HIS HIS E . n 
A 1 38 TRP 38 328 328 TRP TRP E . n 
A 1 39 THR 39 329 329 THR THR E . n 
A 1 40 CYS 40 330 330 CYS CYS E . n 
A 1 41 THR 41 331 331 THR THR E . n 
A 1 42 ASP 42 332 332 ASP ASP E . n 
A 1 43 GLY 43 333 333 GLY GLY E . n 
A 1 44 LYS 44 334 334 LYS LYS E . n 
A 1 45 HIS 45 335 335 HIS HIS E . n 
A 1 46 LYS 46 336 336 LYS LYS E . n 
A 1 47 ASN 47 337 337 ASN ASN E . n 
A 1 48 ALA 48 338 338 ALA ALA E . n 
A 1 49 ILE 49 339 339 ILE ILE E . n 
A 1 50 VAL 50 340 340 VAL VAL E . n 
A 1 51 THR 51 341 341 THR THR E . n 
A 1 52 LEU 52 342 342 LEU LEU E . n 
A 1 53 THR 53 343 343 THR THR E . n 
A 1 54 TYR 54 344 344 TYR TYR E . n 
A 1 55 ILE 55 345 345 ILE ILE E . n 
A 1 56 SER 56 346 346 SER SER E . n 
A 1 57 THR 57 347 347 THR THR E . n 
A 1 58 SER 58 348 348 SER SER E . n 
A 1 59 GLN 59 349 349 GLN GLN E . n 
A 1 60 ARG 60 350 350 ARG ARG E . n 
A 1 61 ASP 61 351 351 ASP ASP E . n 
A 1 62 ASP 62 352 352 ASP ASP E . n 
A 1 63 PHE 63 353 353 PHE PHE E . n 
A 1 64 LEU 64 354 354 LEU LEU E . n 
A 1 65 ASN 65 355 355 ASN ASN E . n 
A 1 66 THR 66 356 356 THR THR E . n 
A 1 67 VAL 67 357 357 VAL VAL E . n 
A 1 68 VAL 68 358 358 VAL VAL E . n 
A 1 69 ILE 69 359 359 ILE ILE E . n 
A 1 70 PRO 70 360 360 PRO PRO E . n 
A 1 71 ASN 71 361 361 ASN ASN E . n 
A 1 72 THR 72 362 362 THR THR E . n 
A 1 73 VAL 73 363 363 VAL VAL E . n 
A 1 74 SER 74 364 364 SER SER E . n 
A 1 75 VAL 75 365 365 VAL VAL E . n 
A 1 76 SER 76 366 366 SER SER E . n 
A 1 77 THR 77 367 367 THR THR E . n 
A 1 78 GLY 78 368 368 GLY GLY E . n 
A 1 79 TYR 79 369 369 TYR TYR E . n 
A 1 80 MET 80 370 370 MET MET E . n 
A 1 81 THR 81 371 371 THR THR E . n 
A 1 82 ILE 82 372 372 ILE ILE E . n 
# 
loop_
_pdbx_nonpoly_scheme.asym_id 
_pdbx_nonpoly_scheme.entity_id 
_pdbx_nonpoly_scheme.mon_id 
_pdbx_nonpoly_scheme.ndb_seq_num 
_pdbx_nonpoly_scheme.pdb_seq_num 
_pdbx_nonpoly_scheme.auth_seq_num 
_pdbx_nonpoly_scheme.pdb_mon_id 
_pdbx_nonpoly_scheme.auth_mon_id 
_pdbx_nonpoly_scheme.pdb_strand_id 
_pdbx_nonpoly_scheme.pdb_ins_code 
B 2 SO4 1  1  1  SO4 SO4 E . 
C 2 SO4 1  2  2  SO4 SO4 E . 
D 3 HOH 1  3  3  HOH HOH E . 
D 3 HOH 2  4  4  HOH HOH E . 
D 3 HOH 3  5  5  HOH HOH E . 
D 3 HOH 4  6  6  HOH HOH E . 
D 3 HOH 5  7  7  HOH HOH E . 
D 3 HOH 6  8  8  HOH HOH E . 
D 3 HOH 7  9  9  HOH HOH E . 
D 3 HOH 8  10 10 HOH HOH E . 
D 3 HOH 9  11 11 HOH HOH E . 
D 3 HOH 10 12 12 HOH HOH E . 
D 3 HOH 11 13 13 HOH HOH E . 
D 3 HOH 12 14 14 HOH HOH E . 
D 3 HOH 13 15 15 HOH HOH E . 
D 3 HOH 14 16 16 HOH HOH E . 
D 3 HOH 15 17 17 HOH HOH E . 
D 3 HOH 16 18 18 HOH HOH E . 
D 3 HOH 17 19 19 HOH HOH E . 
D 3 HOH 18 20 20 HOH HOH E . 
D 3 HOH 19 21 21 HOH HOH E . 
D 3 HOH 20 22 22 HOH HOH E . 
D 3 HOH 21 23 23 HOH HOH E . 
D 3 HOH 22 24 24 HOH HOH E . 
D 3 HOH 23 25 25 HOH HOH E . 
D 3 HOH 24 26 26 HOH HOH E . 
D 3 HOH 25 27 27 HOH HOH E . 
D 3 HOH 26 28 28 HOH HOH E . 
D 3 HOH 27 29 29 HOH HOH E . 
D 3 HOH 28 30 30 HOH HOH E . 
D 3 HOH 29 31 31 HOH HOH E . 
D 3 HOH 30 32 32 HOH HOH E . 
D 3 HOH 31 33 33 HOH HOH E . 
D 3 HOH 32 34 34 HOH HOH E . 
D 3 HOH 33 35 35 HOH HOH E . 
D 3 HOH 34 36 36 HOH HOH E . 
D 3 HOH 35 37 37 HOH HOH E . 
D 3 HOH 36 38 38 HOH HOH E . 
D 3 HOH 37 39 39 HOH HOH E . 
D 3 HOH 38 40 40 HOH HOH E . 
D 3 HOH 39 41 41 HOH HOH E . 
D 3 HOH 40 42 42 HOH HOH E . 
D 3 HOH 41 43 43 HOH HOH E . 
D 3 HOH 42 44 44 HOH HOH E . 
D 3 HOH 43 45 45 HOH HOH E . 
D 3 HOH 44 46 46 HOH HOH E . 
D 3 HOH 45 47 47 HOH HOH E . 
D 3 HOH 46 48 48 HOH HOH E . 
D 3 HOH 47 49 49 HOH HOH E . 
D 3 HOH 48 50 50 HOH HOH E . 
D 3 HOH 49 51 51 HOH HOH E . 
D 3 HOH 50 52 52 HOH HOH E . 
D 3 HOH 51 53 53 HOH HOH E . 
D 3 HOH 52 54 54 HOH HOH E . 
D 3 HOH 53 55 55 HOH HOH E . 
D 3 HOH 54 56 56 HOH HOH E . 
D 3 HOH 55 57 57 HOH HOH E . 
D 3 HOH 56 58 58 HOH HOH E . 
D 3 HOH 57 59 59 HOH HOH E . 
D 3 HOH 58 60 60 HOH HOH E . 
D 3 HOH 59 61 61 HOH HOH E . 
D 3 HOH 60 62 62 HOH HOH E . 
D 3 HOH 61 63 63 HOH HOH E . 
D 3 HOH 62 64 64 HOH HOH E . 
D 3 HOH 63 65 65 HOH HOH E . 
D 3 HOH 64 66 66 HOH HOH E . 
D 3 HOH 65 67 67 HOH HOH E . 
D 3 HOH 66 68 68 HOH HOH E . 
D 3 HOH 67 69 69 HOH HOH E . 
D 3 HOH 68 70 70 HOH HOH E . 
D 3 HOH 69 71 71 HOH HOH E . 
D 3 HOH 70 72 72 HOH HOH E . 
D 3 HOH 71 73 73 HOH HOH E . 
D 3 HOH 72 74 74 HOH HOH E . 
D 3 HOH 73 75 75 HOH HOH E . 
D 3 HOH 74 76 76 HOH HOH E . 
# 
loop_
_software.name 
_software.classification 
_software.version 
_software.citation_id 
_software.pdbx_ordinal 
X-PLOR    'model building' 3.85 ? 1 
X-PLOR    refinement       3.85 ? 2 
DENZO     'data reduction' .    ? 3 
SCALEPACK 'data scaling'   .    ? 4 
X-PLOR    phasing          3.85 ? 5 
# 
_cell.entry_id           1A7G 
_cell.length_a           45.890 
_cell.length_b           45.890 
_cell.length_c           195.636 
_cell.angle_alpha        90.00 
_cell.angle_beta         90.00 
_cell.angle_gamma        120.00 
_cell.Z_PDB              12 
_cell.pdbx_unique_axis   ? 
# 
_symmetry.entry_id                         1A7G 
_symmetry.space_group_name_H-M             'P 61 2 2' 
_symmetry.pdbx_full_space_group_name_H-M   ? 
_symmetry.cell_setting                     ? 
_symmetry.Int_Tables_number                178 
# 
_exptl.entry_id          1A7G 
_exptl.method            'X-RAY DIFFRACTION' 
_exptl.crystals_number   1 
# 
_exptl_crystal.id                    1 
_exptl_crystal.density_meas          ? 
_exptl_crystal.density_Matthews      3.17 
_exptl_crystal.density_percent_sol   61.26 
_exptl_crystal.description           ? 
# 
_exptl_crystal_grow.crystal_id      1 
_exptl_crystal_grow.method          ? 
_exptl_crystal_grow.temp            ? 
_exptl_crystal_grow.temp_details    ? 
_exptl_crystal_grow.pH              6.0 
_exptl_crystal_grow.pdbx_pH_range   ? 
_exptl_crystal_grow.pdbx_details    'pH 6.0' 
# 
_diffrn.id                     1 
_diffrn.ambient_temp           90 
_diffrn.ambient_temp_details   ? 
_diffrn.crystal_id             1 
# 
_diffrn_detector.diffrn_id              1 
_diffrn_detector.detector               'IMAGE PLATE' 
_diffrn_detector.type                   RIGAKU 
_diffrn_detector.pdbx_collection_date   1996-10 
_diffrn_detector.details                MIRROR 
# 
_diffrn_radiation.diffrn_id                        1 
_diffrn_radiation.wavelength_id                    1 
_diffrn_radiation.pdbx_monochromatic_or_laue_m_l   M 
_diffrn_radiation.monochromator                    'NI FILTER' 
_diffrn_radiation.pdbx_diffrn_protocol             ? 
_diffrn_radiation.pdbx_scattering_type             x-ray 
# 
_diffrn_radiation_wavelength.id           1 
_diffrn_radiation_wavelength.wavelength   1.5418 
_diffrn_radiation_wavelength.wt           1.0 
# 
_diffrn_source.diffrn_id                   1 
_diffrn_source.source                      ? 
_diffrn_source.type                        ? 
_diffrn_source.pdbx_synchrotron_site       ? 
_diffrn_source.pdbx_synchrotron_beamline   ? 
_diffrn_source.pdbx_wavelength             1.5418 
_diffrn_source.pdbx_wavelength_list        ? 
# 
_reflns.entry_id                     1A7G 
_reflns.observed_criterion_sigma_I   -3 
_reflns.observed_criterion_sigma_F   ? 
_reflns.d_resolution_low             100 
_reflns.d_resolution_high            2.4 
_reflns.number_obs                   5649 
_reflns.number_all                   ? 
_reflns.percent_possible_obs         90 
_reflns.pdbx_Rmerge_I_obs            0.0650000 
_reflns.pdbx_Rsym_value              0.0650000 
_reflns.pdbx_netI_over_sigmaI        4.0 
_reflns.B_iso_Wilson_estimate        ? 
_reflns.pdbx_redundancy              2.0 
_reflns.pdbx_ordinal                 1 
_reflns.pdbx_diffrn_id               1 
# 
_reflns_shell.d_res_high             2.4 
_reflns_shell.d_res_low              2.6 
_reflns_shell.percent_possible_all   88.4 
_reflns_shell.Rmerge_I_obs           0.1850000 
_reflns_shell.pdbx_Rsym_value        0.1850000 
_reflns_shell.meanI_over_sigI_obs    2.5 
_reflns_shell.pdbx_redundancy        1.5 
_reflns_shell.pdbx_ordinal           1 
_reflns_shell.pdbx_diffrn_id         1 
# 
_refine.entry_id                                 1A7G 
_refine.ls_number_reflns_obs                     4293 
_refine.ls_number_reflns_all                     ? 
_refine.pdbx_ls_sigma_I                          ? 
_refine.pdbx_ls_sigma_F                          1.0 
_refine.pdbx_data_cutoff_high_absF               10000000.00 
_refine.pdbx_data_cutoff_low_absF                0.001 
_refine.pdbx_data_cutoff_high_rms_absF           ? 
_refine.ls_d_res_low                             10 
_refine.ls_d_res_high                            2.4 
_refine.ls_percent_reflns_obs                    83.0 
_refine.ls_R_factor_obs                          0.2110000 
_refine.ls_R_factor_all                          ? 
_refine.ls_R_factor_R_work                       0.2110000 
_refine.ls_R_factor_R_free                       0.2970000 
_refine.ls_R_factor_R_free_error                 ? 
_refine.ls_R_factor_R_free_error_details         ? 
_refine.ls_percent_reflns_R_free                 8.3 
_refine.ls_number_reflns_R_free                  355 
_refine.ls_number_parameters                     ? 
_refine.ls_number_restraints                     ? 
_refine.occupancy_min                            ? 
_refine.occupancy_max                            ? 
_refine.B_iso_mean                               26.4 
_refine.aniso_B[1][1]                            ? 
_refine.aniso_B[2][2]                            ? 
_refine.aniso_B[3][3]                            ? 
_refine.aniso_B[1][2]                            ? 
_refine.aniso_B[1][3]                            ? 
_refine.aniso_B[2][3]                            ? 
_refine.solvent_model_details                    ? 
_refine.solvent_model_param_ksol                 ? 
_refine.solvent_model_param_bsol                 ? 
_refine.pdbx_ls_cross_valid_method               THROUGHOUT 
_refine.details                                  ? 
_refine.pdbx_starting_model                      'BPV-1 STRUCTURE' 
_refine.pdbx_method_to_determine_struct          'MOLECULAR REPLACEMENT' 
_refine.pdbx_isotropic_thermal_model             RESTRAINED 
_refine.pdbx_stereochemistry_target_values       ? 
_refine.pdbx_stereochem_target_val_spec_case     ? 
_refine.pdbx_R_Free_selection_details            RANDOM 
_refine.pdbx_overall_ESU_R                       ? 
_refine.pdbx_overall_ESU_R_Free                  ? 
_refine.overall_SU_ML                            ? 
_refine.overall_SU_B                             ? 
_refine.pdbx_refine_id                           'X-RAY DIFFRACTION' 
_refine.pdbx_diffrn_id                           1 
_refine.pdbx_TLS_residual_ADP_flag               ? 
_refine.correlation_coeff_Fo_to_Fc               ? 
_refine.correlation_coeff_Fo_to_Fc_free          ? 
_refine.pdbx_solvent_vdw_probe_radii             ? 
_refine.pdbx_solvent_ion_probe_radii             ? 
_refine.pdbx_solvent_shrinkage_radii             ? 
_refine.pdbx_overall_phase_error                 ? 
_refine.overall_SU_R_Cruickshank_DPI             ? 
_refine.pdbx_overall_SU_R_free_Cruickshank_DPI   ? 
_refine.pdbx_overall_SU_R_Blow_DPI               ? 
_refine.pdbx_overall_SU_R_free_Blow_DPI          ? 
# 
_refine_hist.pdbx_refine_id                   'X-RAY DIFFRACTION' 
_refine_hist.cycle_id                         LAST 
_refine_hist.pdbx_number_atoms_protein        658 
_refine_hist.pdbx_number_atoms_nucleic_acid   0 
_refine_hist.pdbx_number_atoms_ligand         10 
_refine_hist.number_atoms_solvent             74 
_refine_hist.number_atoms_total               742 
_refine_hist.d_res_high                       2.4 
_refine_hist.d_res_low                        10 
# 
loop_
_refine_ls_restr.type 
_refine_ls_restr.dev_ideal 
_refine_ls_restr.dev_ideal_target 
_refine_ls_restr.weight 
_refine_ls_restr.number 
_refine_ls_restr.pdbx_refine_id 
_refine_ls_restr.pdbx_restraint_function 
x_bond_d                0.014 ?   ? ? 'X-RAY DIFFRACTION' ? 
x_bond_d_na             ?     ?   ? ? 'X-RAY DIFFRACTION' ? 
x_bond_d_prot           ?     ?   ? ? 'X-RAY DIFFRACTION' ? 
x_angle_d               ?     ?   ? ? 'X-RAY DIFFRACTION' ? 
x_angle_d_na            ?     ?   ? ? 'X-RAY DIFFRACTION' ? 
x_angle_d_prot          ?     ?   ? ? 'X-RAY DIFFRACTION' ? 
x_angle_deg             2.7   ?   ? ? 'X-RAY DIFFRACTION' ? 
x_angle_deg_na          ?     ?   ? ? 'X-RAY DIFFRACTION' ? 
x_angle_deg_prot        ?     ?   ? ? 'X-RAY DIFFRACTION' ? 
x_dihedral_angle_d      23.2  ?   ? ? 'X-RAY DIFFRACTION' ? 
x_dihedral_angle_d_na   ?     ?   ? ? 'X-RAY DIFFRACTION' ? 
x_dihedral_angle_d_prot ?     ?   ? ? 'X-RAY DIFFRACTION' ? 
x_improper_angle_d      2.2   ?   ? ? 'X-RAY DIFFRACTION' ? 
x_improper_angle_d_na   ?     ?   ? ? 'X-RAY DIFFRACTION' ? 
x_improper_angle_d_prot ?     ?   ? ? 'X-RAY DIFFRACTION' ? 
x_mcbond_it             1.5   1.5 ? ? 'X-RAY DIFFRACTION' ? 
x_mcangle_it            2.0   2.0 ? ? 'X-RAY DIFFRACTION' ? 
x_scbond_it             2.0   2.0 ? ? 'X-RAY DIFFRACTION' ? 
x_scangle_it            2.0   2.0 ? ? 'X-RAY DIFFRACTION' ? 
# 
_refine_ls_shell.pdbx_total_number_of_bins_used   9 
_refine_ls_shell.d_res_high                       2.4 
_refine_ls_shell.d_res_low                        2.5 
_refine_ls_shell.number_reflns_R_work             343 
_refine_ls_shell.R_factor_R_work                  0.3240000 
_refine_ls_shell.percent_reflns_obs               58 
_refine_ls_shell.R_factor_R_free                  0.3160000 
_refine_ls_shell.R_factor_R_free_error            ? 
_refine_ls_shell.percent_reflns_R_free            4.2 
_refine_ls_shell.number_reflns_R_free             26 
_refine_ls_shell.pdbx_refine_id                   'X-RAY DIFFRACTION' 
_refine_ls_shell.number_reflns_all                ? 
_refine_ls_shell.R_factor_all                     ? 
# 
loop_
_pdbx_xplor_file.serial_no 
_pdbx_xplor_file.param_file 
_pdbx_xplor_file.topol_file 
_pdbx_xplor_file.pdbx_refine_id 
1 PARAM19X.PRO TOPH19X.PRO  'X-RAY DIFFRACTION' 
2 PARHCSDX.PRO TOPHCSDX.PRO 'X-RAY DIFFRACTION' 
# 
_struct.entry_id                  1A7G 
_struct.title                     'THE CRYSTAL STRUCTURE OF THE E2 DNA-BINDING DOMAIN FROM HUMAN PAPILLOMAVIRUS AT 2.4 ANGSTROMS' 
_struct.pdbx_model_details        ? 
_struct.pdbx_CASP_flag            ? 
_struct.pdbx_model_type_details   ? 
# 
_struct_keywords.entry_id        1A7G 
_struct_keywords.pdbx_keywords   'TRANSCRIPTION REGULATION' 
_struct_keywords.text            'TRANSCRIPTION REGULATION, E2, PAPILLOMAVIRUS, CERVICAL CANCER' 
# 
loop_
_struct_asym.id 
_struct_asym.pdbx_blank_PDB_chainid_flag 
_struct_asym.pdbx_modified 
_struct_asym.entity_id 
_struct_asym.details 
A N N 1 ? 
B N N 2 ? 
C N N 2 ? 
D N N 3 ? 
# 
_struct_ref.id                         1 
_struct_ref.db_name                    UNP 
_struct_ref.db_code                    VE2_HPV31 
_struct_ref.entity_id                  1 
_struct_ref.pdbx_db_accession          P17383 
_struct_ref.pdbx_align_begin           1 
_struct_ref.pdbx_seq_one_letter_code   
;METLSQRLNVCQDKILEHYENDSKRLCDHIDYWKHIRLECVLMYKAREMGIHSINHQVVPALSVSKAKALQAIELQMMLE
TLNNTEYKNEDWTMQQTSLELYLTAPTGCLKKHGYTVEVQFDGDVHNTMHYTNWKFIYLCIDGQCTVVEGQVNCKGIYYV
HEGHITYFVNFTEEAKKYGTGKKWEVHAGGQVIVFPESVFSSDEISFAGIVTKLPTANNTTTSNSKTCALGTSEGVRRAT
TSTKRPRTEPEHRNTHHPNKLLRGDSVDSVNCGVISAAACTNQTRAVSCPATTPIIHLKGDANILKCLRYRLSKYKQLYE
QVSSTWHWTCTDGKHKNAIVTLTYISTSQRDDFLNTVKIPNTVSVSTGYMTI
;
_struct_ref.pdbx_db_isoform            ? 
# 
_struct_ref_seq.align_id                      1 
_struct_ref_seq.ref_id                        1 
_struct_ref_seq.pdbx_PDB_id_code              1A7G 
_struct_ref_seq.pdbx_strand_id                E 
_struct_ref_seq.seq_align_beg                 1 
_struct_ref_seq.pdbx_seq_align_beg_ins_code   ? 
_struct_ref_seq.seq_align_end                 82 
_struct_ref_seq.pdbx_seq_align_end_ins_code   ? 
_struct_ref_seq.pdbx_db_accession             P17383 
_struct_ref_seq.db_align_beg                  291 
_struct_ref_seq.pdbx_db_align_beg_ins_code    ? 
_struct_ref_seq.db_align_end                  372 
_struct_ref_seq.pdbx_db_align_end_ins_code    ? 
_struct_ref_seq.pdbx_auth_seq_align_beg       291 
_struct_ref_seq.pdbx_auth_seq_align_end       372 
# 
_struct_ref_seq_dif.align_id                     1 
_struct_ref_seq_dif.pdbx_pdb_id_code             1A7G 
_struct_ref_seq_dif.mon_id                       VAL 
_struct_ref_seq_dif.pdbx_pdb_strand_id           E 
_struct_ref_seq_dif.seq_num                      68 
_struct_ref_seq_dif.pdbx_pdb_ins_code            ? 
_struct_ref_seq_dif.pdbx_seq_db_name             UNP 
_struct_ref_seq_dif.pdbx_seq_db_accession_code   P17383 
_struct_ref_seq_dif.db_mon_id                    LYS 
_struct_ref_seq_dif.pdbx_seq_db_seq_num          358 
_struct_ref_seq_dif.details                      conflict 
_struct_ref_seq_dif.pdbx_auth_seq_num            358 
_struct_ref_seq_dif.pdbx_ordinal                 1 
# 
_pdbx_struct_assembly.id                   1 
_pdbx_struct_assembly.details              author_and_software_defined_assembly 
_pdbx_struct_assembly.method_details       PISA,PQS 
_pdbx_struct_assembly.oligomeric_details   dimeric 
_pdbx_struct_assembly.oligomeric_count     2 
# 
loop_
_pdbx_struct_assembly_prop.biol_id 
_pdbx_struct_assembly_prop.type 
_pdbx_struct_assembly_prop.value 
_pdbx_struct_assembly_prop.details 
1 'ABSA (A^2)' 2650 ? 
1 MORE         -87  ? 
1 'SSA (A^2)'  8630 ? 
# 
_pdbx_struct_assembly_gen.assembly_id       1 
_pdbx_struct_assembly_gen.oper_expression   1,2 
_pdbx_struct_assembly_gen.asym_id_list      A,B,C,D 
# 
loop_
_pdbx_struct_oper_list.id 
_pdbx_struct_oper_list.type 
_pdbx_struct_oper_list.name 
_pdbx_struct_oper_list.symmetry_operation 
_pdbx_struct_oper_list.matrix[1][1] 
_pdbx_struct_oper_list.matrix[1][2] 
_pdbx_struct_oper_list.matrix[1][3] 
_pdbx_struct_oper_list.vector[1] 
_pdbx_struct_oper_list.matrix[2][1] 
_pdbx_struct_oper_list.matrix[2][2] 
_pdbx_struct_oper_list.matrix[2][3] 
_pdbx_struct_oper_list.vector[2] 
_pdbx_struct_oper_list.matrix[3][1] 
_pdbx_struct_oper_list.matrix[3][2] 
_pdbx_struct_oper_list.matrix[3][3] 
_pdbx_struct_oper_list.vector[3] 
1 'identity operation'         1_555  x,y,z            1.0000000000  0.0000000000 0.0000000000  0.0000000000   0.0000000000 1.0000000000 0.0000000000  0.0000000000 0.0000000000  0.0000000000  1.0000000000  0.0000000000 
2 'crystal symmetry operation' 10_665 -y+1,-x+1,-z+5/6 -0.8683396397 0.4800413561 -0.1246858712 -17.5583446089 0.4800413561 0.7502587957 -0.4546119619 5.1142158205 -0.1246858712 -0.4546119619 -0.8819191560 1.1492651086 
# 
_struct_biol.id   1 
# 
loop_
_struct_conf.conf_type_id 
_struct_conf.id 
_struct_conf.pdbx_PDB_helix_id 
_struct_conf.beg_label_comp_id 
_struct_conf.beg_label_asym_id 
_struct_conf.beg_label_seq_id 
_struct_conf.pdbx_beg_PDB_ins_code 
_struct_conf.end_label_comp_id 
_struct_conf.end_label_asym_id 
_struct_conf.end_label_seq_id 
_struct_conf.pdbx_end_PDB_ins_code 
_struct_conf.beg_auth_comp_id 
_struct_conf.beg_auth_asym_id 
_struct_conf.beg_auth_seq_id 
_struct_conf.end_auth_comp_id 
_struct_conf.end_auth_asym_id 
_struct_conf.end_auth_seq_id 
_struct_conf.pdbx_PDB_helix_class 
_struct_conf.details 
_struct_conf.pdbx_PDB_helix_length 
HELX_P HELX_P1 1 ALA A 12 ? LYS A 24 ? ALA E 302 LYS E 314 1 ? 13 
HELX_P HELX_P2 2 LYS A 26 ? LEU A 28 ? LYS E 316 LEU E 318 5 ? 3  
HELX_P HELX_P3 3 THR A 57 ? THR A 66 ? THR E 347 THR E 356 1 ? 10 
# 
_struct_conf_type.id          HELX_P 
_struct_conf_type.criteria    ? 
_struct_conf_type.reference   ? 
# 
_struct_sheet.id               A 
_struct_sheet.type             ? 
_struct_sheet.number_strands   3 
_struct_sheet.details          ? 
# 
loop_
_struct_sheet_order.sheet_id 
_struct_sheet_order.range_id_1 
_struct_sheet_order.range_id_2 
_struct_sheet_order.offset 
_struct_sheet_order.sense 
A 1 2 ? anti-parallel 
A 2 3 ? anti-parallel 
# 
loop_
_struct_sheet_range.sheet_id 
_struct_sheet_range.id 
_struct_sheet_range.beg_label_comp_id 
_struct_sheet_range.beg_label_asym_id 
_struct_sheet_range.beg_label_seq_id 
_struct_sheet_range.pdbx_beg_PDB_ins_code 
_struct_sheet_range.end_label_comp_id 
_struct_sheet_range.end_label_asym_id 
_struct_sheet_range.end_label_seq_id 
_struct_sheet_range.pdbx_end_PDB_ins_code 
_struct_sheet_range.beg_auth_comp_id 
_struct_sheet_range.beg_auth_asym_id 
_struct_sheet_range.beg_auth_seq_id 
_struct_sheet_range.end_auth_comp_id 
_struct_sheet_range.end_auth_asym_id 
_struct_sheet_range.end_auth_seq_id 
A 1 SER A 74 ? THR A 81 ? SER E 364 THR E 371 
A 2 THR A 2  ? GLY A 10 ? THR E 292 GLY E 300 
A 3 ALA A 48 ? TYR A 54 ? ALA E 338 TYR E 344 
# 
loop_
_pdbx_struct_sheet_hbond.sheet_id 
_pdbx_struct_sheet_hbond.range_id_1 
_pdbx_struct_sheet_hbond.range_id_2 
_pdbx_struct_sheet_hbond.range_1_label_atom_id 
_pdbx_struct_sheet_hbond.range_1_label_comp_id 
_pdbx_struct_sheet_hbond.range_1_label_asym_id 
_pdbx_struct_sheet_hbond.range_1_label_seq_id 
_pdbx_struct_sheet_hbond.range_1_PDB_ins_code 
_pdbx_struct_sheet_hbond.range_1_auth_atom_id 
_pdbx_struct_sheet_hbond.range_1_auth_comp_id 
_pdbx_struct_sheet_hbond.range_1_auth_asym_id 
_pdbx_struct_sheet_hbond.range_1_auth_seq_id 
_pdbx_struct_sheet_hbond.range_2_label_atom_id 
_pdbx_struct_sheet_hbond.range_2_label_comp_id 
_pdbx_struct_sheet_hbond.range_2_label_asym_id 
_pdbx_struct_sheet_hbond.range_2_label_seq_id 
_pdbx_struct_sheet_hbond.range_2_PDB_ins_code 
_pdbx_struct_sheet_hbond.range_2_auth_atom_id 
_pdbx_struct_sheet_hbond.range_2_auth_comp_id 
_pdbx_struct_sheet_hbond.range_2_auth_asym_id 
_pdbx_struct_sheet_hbond.range_2_auth_seq_id 
A 1 2 O SER A 74 ? O SER E 364 N LYS A 9  ? N LYS E 299 
A 2 3 O PRO A 4  ? O PRO E 294 N TYR A 54 ? N TYR E 344 
# 
loop_
_struct_site.id 
_struct_site.pdbx_evidence_code 
_struct_site.pdbx_auth_asym_id 
_struct_site.pdbx_auth_comp_id 
_struct_site.pdbx_auth_seq_id 
_struct_site.pdbx_auth_ins_code 
_struct_site.pdbx_num_residues 
_struct_site.details 
AC1 Software E SO4 1 ? 5 'BINDING SITE FOR RESIDUE SO4 E 1' 
AC2 Software E SO4 2 ? 8 'BINDING SITE FOR RESIDUE SO4 E 2' 
# 
loop_
_struct_site_gen.id 
_struct_site_gen.site_id 
_struct_site_gen.pdbx_num_res 
_struct_site_gen.label_comp_id 
_struct_site_gen.label_asym_id 
_struct_site_gen.label_seq_id 
_struct_site_gen.pdbx_auth_ins_code 
_struct_site_gen.auth_comp_id 
_struct_site_gen.auth_asym_id 
_struct_site_gen.auth_seq_id 
_struct_site_gen.label_atom_id 
_struct_site_gen.label_alt_id 
_struct_site_gen.symmetry 
_struct_site_gen.details 
1  AC1 5 HOH D .  ? HOH E 49  . ? 1_555  ? 
2  AC1 5 LYS A 16 ? LYS E 306 . ? 1_555  ? 
3  AC1 5 ARG A 19 ? ARG E 309 . ? 1_555  ? 
4  AC1 5 SER A 34 ? SER E 324 . ? 1_555  ? 
5  AC1 5 THR A 35 ? THR E 325 . ? 1_555  ? 
6  AC2 8 ILE A 5  ? ILE E 295 . ? 1_555  ? 
7  AC2 8 ILE A 5  ? ILE E 295 . ? 10_665 ? 
8  AC2 8 HIS A 7  ? HIS E 297 . ? 1_555  ? 
9  AC2 8 HIS A 7  ? HIS E 297 . ? 10_665 ? 
10 AC2 8 TRP A 36 ? TRP E 326 . ? 1_555  ? 
11 AC2 8 TRP A 36 ? TRP E 326 . ? 10_665 ? 
12 AC2 8 THR A 51 ? THR E 341 . ? 10_665 ? 
13 AC2 8 THR A 51 ? THR E 341 . ? 1_555  ? 
# 
loop_
_pdbx_validate_symm_contact.id 
_pdbx_validate_symm_contact.PDB_model_num 
_pdbx_validate_symm_contact.auth_atom_id_1 
_pdbx_validate_symm_contact.auth_asym_id_1 
_pdbx_validate_symm_contact.auth_comp_id_1 
_pdbx_validate_symm_contact.auth_seq_id_1 
_pdbx_validate_symm_contact.PDB_ins_code_1 
_pdbx_validate_symm_contact.label_alt_id_1 
_pdbx_validate_symm_contact.site_symmetry_1 
_pdbx_validate_symm_contact.auth_atom_id_2 
_pdbx_validate_symm_contact.auth_asym_id_2 
_pdbx_validate_symm_contact.auth_comp_id_2 
_pdbx_validate_symm_contact.auth_seq_id_2 
_pdbx_validate_symm_contact.PDB_ins_code_2 
_pdbx_validate_symm_contact.label_alt_id_2 
_pdbx_validate_symm_contact.site_symmetry_2 
_pdbx_validate_symm_contact.dist 
1 1 O3 E SO4 2 ? ? 1_555 O4 E SO4 2 ? ? 10_665 0.04 
2 1 O1 E SO4 2 ? ? 1_555 O2 E SO4 2 ? ? 10_665 0.12 
3 1 S  E SO4 2 ? ? 1_555 O4 E SO4 2 ? ? 10_665 1.44 
4 1 S  E SO4 2 ? ? 1_555 O2 E SO4 2 ? ? 10_665 1.46 
5 1 S  E SO4 2 ? ? 1_555 O3 E SO4 2 ? ? 10_665 1.47 
6 1 S  E SO4 2 ? ? 1_555 O1 E SO4 2 ? ? 10_665 1.48 
# 
_pdbx_validate_rmsd_angle.id                         1 
_pdbx_validate_rmsd_angle.PDB_model_num              1 
_pdbx_validate_rmsd_angle.auth_atom_id_1             CA 
_pdbx_validate_rmsd_angle.auth_asym_id_1             E 
_pdbx_validate_rmsd_angle.auth_comp_id_1             LEU 
_pdbx_validate_rmsd_angle.auth_seq_id_1              342 
_pdbx_validate_rmsd_angle.PDB_ins_code_1             ? 
_pdbx_validate_rmsd_angle.label_alt_id_1             ? 
_pdbx_validate_rmsd_angle.auth_atom_id_2             CB 
_pdbx_validate_rmsd_angle.auth_asym_id_2             E 
_pdbx_validate_rmsd_angle.auth_comp_id_2             LEU 
_pdbx_validate_rmsd_angle.auth_seq_id_2              342 
_pdbx_validate_rmsd_angle.PDB_ins_code_2             ? 
_pdbx_validate_rmsd_angle.label_alt_id_2             ? 
_pdbx_validate_rmsd_angle.auth_atom_id_3             CG 
_pdbx_validate_rmsd_angle.auth_asym_id_3             E 
_pdbx_validate_rmsd_angle.auth_comp_id_3             LEU 
_pdbx_validate_rmsd_angle.auth_seq_id_3              342 
_pdbx_validate_rmsd_angle.PDB_ins_code_3             ? 
_pdbx_validate_rmsd_angle.label_alt_id_3             ? 
_pdbx_validate_rmsd_angle.angle_value                133.46 
_pdbx_validate_rmsd_angle.angle_target_value         115.30 
_pdbx_validate_rmsd_angle.angle_deviation            18.16 
_pdbx_validate_rmsd_angle.angle_standard_deviation   2.30 
_pdbx_validate_rmsd_angle.linker_flag                N 
# 
loop_
_pdbx_validate_torsion.id 
_pdbx_validate_torsion.PDB_model_num 
_pdbx_validate_torsion.auth_comp_id 
_pdbx_validate_torsion.auth_asym_id 
_pdbx_validate_torsion.auth_seq_id 
_pdbx_validate_torsion.PDB_ins_code 
_pdbx_validate_torsion.label_alt_id 
_pdbx_validate_torsion.phi 
_pdbx_validate_torsion.psi 
1 1 GLU E 320 ? ? -99.77 -62.97 
2 1 HIS E 335 ? ? 66.19  -56.29 
# 
_pdbx_struct_special_symmetry.id              1 
_pdbx_struct_special_symmetry.PDB_model_num   1 
_pdbx_struct_special_symmetry.auth_asym_id    E 
_pdbx_struct_special_symmetry.auth_comp_id    SO4 
_pdbx_struct_special_symmetry.auth_seq_id     2 
_pdbx_struct_special_symmetry.PDB_ins_code    ? 
_pdbx_struct_special_symmetry.label_asym_id   C 
_pdbx_struct_special_symmetry.label_comp_id   SO4 
_pdbx_struct_special_symmetry.label_seq_id    . 
# 
loop_
_chem_comp_atom.comp_id 
_chem_comp_atom.atom_id 
_chem_comp_atom.type_symbol 
_chem_comp_atom.pdbx_aromatic_flag 
_chem_comp_atom.pdbx_stereo_config 
_chem_comp_atom.pdbx_ordinal 
ALA N    N N N 1   
ALA CA   C N S 2   
ALA C    C N N 3   
ALA O    O N N 4   
ALA CB   C N N 5   
ALA OXT  O N N 6   
ALA H    H N N 7   
ALA H2   H N N 8   
ALA HA   H N N 9   
ALA HB1  H N N 10  
ALA HB2  H N N 11  
ALA HB3  H N N 12  
ALA HXT  H N N 13  
ARG N    N N N 14  
ARG CA   C N S 15  
ARG C    C N N 16  
ARG O    O N N 17  
ARG CB   C N N 18  
ARG CG   C N N 19  
ARG CD   C N N 20  
ARG NE   N N N 21  
ARG CZ   C N N 22  
ARG NH1  N N N 23  
ARG NH2  N N N 24  
ARG OXT  O N N 25  
ARG H    H N N 26  
ARG H2   H N N 27  
ARG HA   H N N 28  
ARG HB2  H N N 29  
ARG HB3  H N N 30  
ARG HG2  H N N 31  
ARG HG3  H N N 32  
ARG HD2  H N N 33  
ARG HD3  H N N 34  
ARG HE   H N N 35  
ARG HH11 H N N 36  
ARG HH12 H N N 37  
ARG HH21 H N N 38  
ARG HH22 H N N 39  
ARG HXT  H N N 40  
ASN N    N N N 41  
ASN CA   C N S 42  
ASN C    C N N 43  
ASN O    O N N 44  
ASN CB   C N N 45  
ASN CG   C N N 46  
ASN OD1  O N N 47  
ASN ND2  N N N 48  
ASN OXT  O N N 49  
ASN H    H N N 50  
ASN H2   H N N 51  
ASN HA   H N N 52  
ASN HB2  H N N 53  
ASN HB3  H N N 54  
ASN HD21 H N N 55  
ASN HD22 H N N 56  
ASN HXT  H N N 57  
ASP N    N N N 58  
ASP CA   C N S 59  
ASP C    C N N 60  
ASP O    O N N 61  
ASP CB   C N N 62  
ASP CG   C N N 63  
ASP OD1  O N N 64  
ASP OD2  O N N 65  
ASP OXT  O N N 66  
ASP H    H N N 67  
ASP H2   H N N 68  
ASP HA   H N N 69  
ASP HB2  H N N 70  
ASP HB3  H N N 71  
ASP HD2  H N N 72  
ASP HXT  H N N 73  
CYS N    N N N 74  
CYS CA   C N R 75  
CYS C    C N N 76  
CYS O    O N N 77  
CYS CB   C N N 78  
CYS SG   S N N 79  
CYS OXT  O N N 80  
CYS H    H N N 81  
CYS H2   H N N 82  
CYS HA   H N N 83  
CYS HB2  H N N 84  
CYS HB3  H N N 85  
CYS HG   H N N 86  
CYS HXT  H N N 87  
GLN N    N N N 88  
GLN CA   C N S 89  
GLN C    C N N 90  
GLN O    O N N 91  
GLN CB   C N N 92  
GLN CG   C N N 93  
GLN CD   C N N 94  
GLN OE1  O N N 95  
GLN NE2  N N N 96  
GLN OXT  O N N 97  
GLN H    H N N 98  
GLN H2   H N N 99  
GLN HA   H N N 100 
GLN HB2  H N N 101 
GLN HB3  H N N 102 
GLN HG2  H N N 103 
GLN HG3  H N N 104 
GLN HE21 H N N 105 
GLN HE22 H N N 106 
GLN HXT  H N N 107 
GLU N    N N N 108 
GLU CA   C N S 109 
GLU C    C N N 110 
GLU O    O N N 111 
GLU CB   C N N 112 
GLU CG   C N N 113 
GLU CD   C N N 114 
GLU OE1  O N N 115 
GLU OE2  O N N 116 
GLU OXT  O N N 117 
GLU H    H N N 118 
GLU H2   H N N 119 
GLU HA   H N N 120 
GLU HB2  H N N 121 
GLU HB3  H N N 122 
GLU HG2  H N N 123 
GLU HG3  H N N 124 
GLU HE2  H N N 125 
GLU HXT  H N N 126 
GLY N    N N N 127 
GLY CA   C N N 128 
GLY C    C N N 129 
GLY O    O N N 130 
GLY OXT  O N N 131 
GLY H    H N N 132 
GLY H2   H N N 133 
GLY HA2  H N N 134 
GLY HA3  H N N 135 
GLY HXT  H N N 136 
HIS N    N N N 137 
HIS CA   C N S 138 
HIS C    C N N 139 
HIS O    O N N 140 
HIS CB   C N N 141 
HIS CG   C Y N 142 
HIS ND1  N Y N 143 
HIS CD2  C Y N 144 
HIS CE1  C Y N 145 
HIS NE2  N Y N 146 
HIS OXT  O N N 147 
HIS H    H N N 148 
HIS H2   H N N 149 
HIS HA   H N N 150 
HIS HB2  H N N 151 
HIS HB3  H N N 152 
HIS HD1  H N N 153 
HIS HD2  H N N 154 
HIS HE1  H N N 155 
HIS HE2  H N N 156 
HIS HXT  H N N 157 
HOH O    O N N 158 
HOH H1   H N N 159 
HOH H2   H N N 160 
ILE N    N N N 161 
ILE CA   C N S 162 
ILE C    C N N 163 
ILE O    O N N 164 
ILE CB   C N S 165 
ILE CG1  C N N 166 
ILE CG2  C N N 167 
ILE CD1  C N N 168 
ILE OXT  O N N 169 
ILE H    H N N 170 
ILE H2   H N N 171 
ILE HA   H N N 172 
ILE HB   H N N 173 
ILE HG12 H N N 174 
ILE HG13 H N N 175 
ILE HG21 H N N 176 
ILE HG22 H N N 177 
ILE HG23 H N N 178 
ILE HD11 H N N 179 
ILE HD12 H N N 180 
ILE HD13 H N N 181 
ILE HXT  H N N 182 
LEU N    N N N 183 
LEU CA   C N S 184 
LEU C    C N N 185 
LEU O    O N N 186 
LEU CB   C N N 187 
LEU CG   C N N 188 
LEU CD1  C N N 189 
LEU CD2  C N N 190 
LEU OXT  O N N 191 
LEU H    H N N 192 
LEU H2   H N N 193 
LEU HA   H N N 194 
LEU HB2  H N N 195 
LEU HB3  H N N 196 
LEU HG   H N N 197 
LEU HD11 H N N 198 
LEU HD12 H N N 199 
LEU HD13 H N N 200 
LEU HD21 H N N 201 
LEU HD22 H N N 202 
LEU HD23 H N N 203 
LEU HXT  H N N 204 
LYS N    N N N 205 
LYS CA   C N S 206 
LYS C    C N N 207 
LYS O    O N N 208 
LYS CB   C N N 209 
LYS CG   C N N 210 
LYS CD   C N N 211 
LYS CE   C N N 212 
LYS NZ   N N N 213 
LYS OXT  O N N 214 
LYS H    H N N 215 
LYS H2   H N N 216 
LYS HA   H N N 217 
LYS HB2  H N N 218 
LYS HB3  H N N 219 
LYS HG2  H N N 220 
LYS HG3  H N N 221 
LYS HD2  H N N 222 
LYS HD3  H N N 223 
LYS HE2  H N N 224 
LYS HE3  H N N 225 
LYS HZ1  H N N 226 
LYS HZ2  H N N 227 
LYS HZ3  H N N 228 
LYS HXT  H N N 229 
MET N    N N N 230 
MET CA   C N S 231 
MET C    C N N 232 
MET O    O N N 233 
MET CB   C N N 234 
MET CG   C N N 235 
MET SD   S N N 236 
MET CE   C N N 237 
MET OXT  O N N 238 
MET H    H N N 239 
MET H2   H N N 240 
MET HA   H N N 241 
MET HB2  H N N 242 
MET HB3  H N N 243 
MET HG2  H N N 244 
MET HG3  H N N 245 
MET HE1  H N N 246 
MET HE2  H N N 247 
MET HE3  H N N 248 
MET HXT  H N N 249 
PHE N    N N N 250 
PHE CA   C N S 251 
PHE C    C N N 252 
PHE O    O N N 253 
PHE CB   C N N 254 
PHE CG   C Y N 255 
PHE CD1  C Y N 256 
PHE CD2  C Y N 257 
PHE CE1  C Y N 258 
PHE CE2  C Y N 259 
PHE CZ   C Y N 260 
PHE OXT  O N N 261 
PHE H    H N N 262 
PHE H2   H N N 263 
PHE HA   H N N 264 
PHE HB2  H N N 265 
PHE HB3  H N N 266 
PHE HD1  H N N 267 
PHE HD2  H N N 268 
PHE HE1  H N N 269 
PHE HE2  H N N 270 
PHE HZ   H N N 271 
PHE HXT  H N N 272 
PRO N    N N N 273 
PRO CA   C N S 274 
PRO C    C N N 275 
PRO O    O N N 276 
PRO CB   C N N 277 
PRO CG   C N N 278 
PRO CD   C N N 279 
PRO OXT  O N N 280 
PRO H    H N N 281 
PRO HA   H N N 282 
PRO HB2  H N N 283 
PRO HB3  H N N 284 
PRO HG2  H N N 285 
PRO HG3  H N N 286 
PRO HD2  H N N 287 
PRO HD3  H N N 288 
PRO HXT  H N N 289 
SER N    N N N 290 
SER CA   C N S 291 
SER C    C N N 292 
SER O    O N N 293 
SER CB   C N N 294 
SER OG   O N N 295 
SER OXT  O N N 296 
SER H    H N N 297 
SER H2   H N N 298 
SER HA   H N N 299 
SER HB2  H N N 300 
SER HB3  H N N 301 
SER HG   H N N 302 
SER HXT  H N N 303 
SO4 S    S N N 304 
SO4 O1   O N N 305 
SO4 O2   O N N 306 
SO4 O3   O N N 307 
SO4 O4   O N N 308 
THR N    N N N 309 
THR CA   C N S 310 
THR C    C N N 311 
THR O    O N N 312 
THR CB   C N R 313 
THR OG1  O N N 314 
THR CG2  C N N 315 
THR OXT  O N N 316 
THR H    H N N 317 
THR H2   H N N 318 
THR HA   H N N 319 
THR HB   H N N 320 
THR HG1  H N N 321 
THR HG21 H N N 322 
THR HG22 H N N 323 
THR HG23 H N N 324 
THR HXT  H N N 325 
TRP N    N N N 326 
TRP CA   C N S 327 
TRP C    C N N 328 
TRP O    O N N 329 
TRP CB   C N N 330 
TRP CG   C Y N 331 
TRP CD1  C Y N 332 
TRP CD2  C Y N 333 
TRP NE1  N Y N 334 
TRP CE2  C Y N 335 
TRP CE3  C Y N 336 
TRP CZ2  C Y N 337 
TRP CZ3  C Y N 338 
TRP CH2  C Y N 339 
TRP OXT  O N N 340 
TRP H    H N N 341 
TRP H2   H N N 342 
TRP HA   H N N 343 
TRP HB2  H N N 344 
TRP HB3  H N N 345 
TRP HD1  H N N 346 
TRP HE1  H N N 347 
TRP HE3  H N N 348 
TRP HZ2  H N N 349 
TRP HZ3  H N N 350 
TRP HH2  H N N 351 
TRP HXT  H N N 352 
TYR N    N N N 353 
TYR CA   C N S 354 
TYR C    C N N 355 
TYR O    O N N 356 
TYR CB   C N N 357 
TYR CG   C Y N 358 
TYR CD1  C Y N 359 
TYR CD2  C Y N 360 
TYR CE1  C Y N 361 
TYR CE2  C Y N 362 
TYR CZ   C Y N 363 
TYR OH   O N N 364 
TYR OXT  O N N 365 
TYR H    H N N 366 
TYR H2   H N N 367 
TYR HA   H N N 368 
TYR HB2  H N N 369 
TYR HB3  H N N 370 
TYR HD1  H N N 371 
TYR HD2  H N N 372 
TYR HE1  H N N 373 
TYR HE2  H N N 374 
TYR HH   H N N 375 
TYR HXT  H N N 376 
VAL N    N N N 377 
VAL CA   C N S 378 
VAL C    C N N 379 
VAL O    O N N 380 
VAL CB   C N N 381 
VAL CG1  C N N 382 
VAL CG2  C N N 383 
VAL OXT  O N N 384 
VAL H    H N N 385 
VAL H2   H N N 386 
VAL HA   H N N 387 
VAL HB   H N N 388 
VAL HG11 H N N 389 
VAL HG12 H N N 390 
VAL HG13 H N N 391 
VAL HG21 H N N 392 
VAL HG22 H N N 393 
VAL HG23 H N N 394 
VAL HXT  H N N 395 
# 
loop_
_chem_comp_bond.comp_id 
_chem_comp_bond.atom_id_1 
_chem_comp_bond.atom_id_2 
_chem_comp_bond.value_order 
_chem_comp_bond.pdbx_aromatic_flag 
_chem_comp_bond.pdbx_stereo_config 
_chem_comp_bond.pdbx_ordinal 
ALA N   CA   sing N N 1   
ALA N   H    sing N N 2   
ALA N   H2   sing N N 3   
ALA CA  C    sing N N 4   
ALA CA  CB   sing N N 5   
ALA CA  HA   sing N N 6   
ALA C   O    doub N N 7   
ALA C   OXT  sing N N 8   
ALA CB  HB1  sing N N 9   
ALA CB  HB2  sing N N 10  
ALA CB  HB3  sing N N 11  
ALA OXT HXT  sing N N 12  
ARG N   CA   sing N N 13  
ARG N   H    sing N N 14  
ARG N   H2   sing N N 15  
ARG CA  C    sing N N 16  
ARG CA  CB   sing N N 17  
ARG CA  HA   sing N N 18  
ARG C   O    doub N N 19  
ARG C   OXT  sing N N 20  
ARG CB  CG   sing N N 21  
ARG CB  HB2  sing N N 22  
ARG CB  HB3  sing N N 23  
ARG CG  CD   sing N N 24  
ARG CG  HG2  sing N N 25  
ARG CG  HG3  sing N N 26  
ARG CD  NE   sing N N 27  
ARG CD  HD2  sing N N 28  
ARG CD  HD3  sing N N 29  
ARG NE  CZ   sing N N 30  
ARG NE  HE   sing N N 31  
ARG CZ  NH1  sing N N 32  
ARG CZ  NH2  doub N N 33  
ARG NH1 HH11 sing N N 34  
ARG NH1 HH12 sing N N 35  
ARG NH2 HH21 sing N N 36  
ARG NH2 HH22 sing N N 37  
ARG OXT HXT  sing N N 38  
ASN N   CA   sing N N 39  
ASN N   H    sing N N 40  
ASN N   H2   sing N N 41  
ASN CA  C    sing N N 42  
ASN CA  CB   sing N N 43  
ASN CA  HA   sing N N 44  
ASN C   O    doub N N 45  
ASN C   OXT  sing N N 46  
ASN CB  CG   sing N N 47  
ASN CB  HB2  sing N N 48  
ASN CB  HB3  sing N N 49  
ASN CG  OD1  doub N N 50  
ASN CG  ND2  sing N N 51  
ASN ND2 HD21 sing N N 52  
ASN ND2 HD22 sing N N 53  
ASN OXT HXT  sing N N 54  
ASP N   CA   sing N N 55  
ASP N   H    sing N N 56  
ASP N   H2   sing N N 57  
ASP CA  C    sing N N 58  
ASP CA  CB   sing N N 59  
ASP CA  HA   sing N N 60  
ASP C   O    doub N N 61  
ASP C   OXT  sing N N 62  
ASP CB  CG   sing N N 63  
ASP CB  HB2  sing N N 64  
ASP CB  HB3  sing N N 65  
ASP CG  OD1  doub N N 66  
ASP CG  OD2  sing N N 67  
ASP OD2 HD2  sing N N 68  
ASP OXT HXT  sing N N 69  
CYS N   CA   sing N N 70  
CYS N   H    sing N N 71  
CYS N   H2   sing N N 72  
CYS CA  C    sing N N 73  
CYS CA  CB   sing N N 74  
CYS CA  HA   sing N N 75  
CYS C   O    doub N N 76  
CYS C   OXT  sing N N 77  
CYS CB  SG   sing N N 78  
CYS CB  HB2  sing N N 79  
CYS CB  HB3  sing N N 80  
CYS SG  HG   sing N N 81  
CYS OXT HXT  sing N N 82  
GLN N   CA   sing N N 83  
GLN N   H    sing N N 84  
GLN N   H2   sing N N 85  
GLN CA  C    sing N N 86  
GLN CA  CB   sing N N 87  
GLN CA  HA   sing N N 88  
GLN C   O    doub N N 89  
GLN C   OXT  sing N N 90  
GLN CB  CG   sing N N 91  
GLN CB  HB2  sing N N 92  
GLN CB  HB3  sing N N 93  
GLN CG  CD   sing N N 94  
GLN CG  HG2  sing N N 95  
GLN CG  HG3  sing N N 96  
GLN CD  OE1  doub N N 97  
GLN CD  NE2  sing N N 98  
GLN NE2 HE21 sing N N 99  
GLN NE2 HE22 sing N N 100 
GLN OXT HXT  sing N N 101 
GLU N   CA   sing N N 102 
GLU N   H    sing N N 103 
GLU N   H2   sing N N 104 
GLU CA  C    sing N N 105 
GLU CA  CB   sing N N 106 
GLU CA  HA   sing N N 107 
GLU C   O    doub N N 108 
GLU C   OXT  sing N N 109 
GLU CB  CG   sing N N 110 
GLU CB  HB2  sing N N 111 
GLU CB  HB3  sing N N 112 
GLU CG  CD   sing N N 113 
GLU CG  HG2  sing N N 114 
GLU CG  HG3  sing N N 115 
GLU CD  OE1  doub N N 116 
GLU CD  OE2  sing N N 117 
GLU OE2 HE2  sing N N 118 
GLU OXT HXT  sing N N 119 
GLY N   CA   sing N N 120 
GLY N   H    sing N N 121 
GLY N   H2   sing N N 122 
GLY CA  C    sing N N 123 
GLY CA  HA2  sing N N 124 
GLY CA  HA3  sing N N 125 
GLY C   O    doub N N 126 
GLY C   OXT  sing N N 127 
GLY OXT HXT  sing N N 128 
HIS N   CA   sing N N 129 
HIS N   H    sing N N 130 
HIS N   H2   sing N N 131 
HIS CA  C    sing N N 132 
HIS CA  CB   sing N N 133 
HIS CA  HA   sing N N 134 
HIS C   O    doub N N 135 
HIS C   OXT  sing N N 136 
HIS CB  CG   sing N N 137 
HIS CB  HB2  sing N N 138 
HIS CB  HB3  sing N N 139 
HIS CG  ND1  sing Y N 140 
HIS CG  CD2  doub Y N 141 
HIS ND1 CE1  doub Y N 142 
HIS ND1 HD1  sing N N 143 
HIS CD2 NE2  sing Y N 144 
HIS CD2 HD2  sing N N 145 
HIS CE1 NE2  sing Y N 146 
HIS CE1 HE1  sing N N 147 
HIS NE2 HE2  sing N N 148 
HIS OXT HXT  sing N N 149 
HOH O   H1   sing N N 150 
HOH O   H2   sing N N 151 
ILE N   CA   sing N N 152 
ILE N   H    sing N N 153 
ILE N   H2   sing N N 154 
ILE CA  C    sing N N 155 
ILE CA  CB   sing N N 156 
ILE CA  HA   sing N N 157 
ILE C   O    doub N N 158 
ILE C   OXT  sing N N 159 
ILE CB  CG1  sing N N 160 
ILE CB  CG2  sing N N 161 
ILE CB  HB   sing N N 162 
ILE CG1 CD1  sing N N 163 
ILE CG1 HG12 sing N N 164 
ILE CG1 HG13 sing N N 165 
ILE CG2 HG21 sing N N 166 
ILE CG2 HG22 sing N N 167 
ILE CG2 HG23 sing N N 168 
ILE CD1 HD11 sing N N 169 
ILE CD1 HD12 sing N N 170 
ILE CD1 HD13 sing N N 171 
ILE OXT HXT  sing N N 172 
LEU N   CA   sing N N 173 
LEU N   H    sing N N 174 
LEU N   H2   sing N N 175 
LEU CA  C    sing N N 176 
LEU CA  CB   sing N N 177 
LEU CA  HA   sing N N 178 
LEU C   O    doub N N 179 
LEU C   OXT  sing N N 180 
LEU CB  CG   sing N N 181 
LEU CB  HB2  sing N N 182 
LEU CB  HB3  sing N N 183 
LEU CG  CD1  sing N N 184 
LEU CG  CD2  sing N N 185 
LEU CG  HG   sing N N 186 
LEU CD1 HD11 sing N N 187 
LEU CD1 HD12 sing N N 188 
LEU CD1 HD13 sing N N 189 
LEU CD2 HD21 sing N N 190 
LEU CD2 HD22 sing N N 191 
LEU CD2 HD23 sing N N 192 
LEU OXT HXT  sing N N 193 
LYS N   CA   sing N N 194 
LYS N   H    sing N N 195 
LYS N   H2   sing N N 196 
LYS CA  C    sing N N 197 
LYS CA  CB   sing N N 198 
LYS CA  HA   sing N N 199 
LYS C   O    doub N N 200 
LYS C   OXT  sing N N 201 
LYS CB  CG   sing N N 202 
LYS CB  HB2  sing N N 203 
LYS CB  HB3  sing N N 204 
LYS CG  CD   sing N N 205 
LYS CG  HG2  sing N N 206 
LYS CG  HG3  sing N N 207 
LYS CD  CE   sing N N 208 
LYS CD  HD2  sing N N 209 
LYS CD  HD3  sing N N 210 
LYS CE  NZ   sing N N 211 
LYS CE  HE2  sing N N 212 
LYS CE  HE3  sing N N 213 
LYS NZ  HZ1  sing N N 214 
LYS NZ  HZ2  sing N N 215 
LYS NZ  HZ3  sing N N 216 
LYS OXT HXT  sing N N 217 
MET N   CA   sing N N 218 
MET N   H    sing N N 219 
MET N   H2   sing N N 220 
MET CA  C    sing N N 221 
MET CA  CB   sing N N 222 
MET CA  HA   sing N N 223 
MET C   O    doub N N 224 
MET C   OXT  sing N N 225 
MET CB  CG   sing N N 226 
MET CB  HB2  sing N N 227 
MET CB  HB3  sing N N 228 
MET CG  SD   sing N N 229 
MET CG  HG2  sing N N 230 
MET CG  HG3  sing N N 231 
MET SD  CE   sing N N 232 
MET CE  HE1  sing N N 233 
MET CE  HE2  sing N N 234 
MET CE  HE3  sing N N 235 
MET OXT HXT  sing N N 236 
PHE N   CA   sing N N 237 
PHE N   H    sing N N 238 
PHE N   H2   sing N N 239 
PHE CA  C    sing N N 240 
PHE CA  CB   sing N N 241 
PHE CA  HA   sing N N 242 
PHE C   O    doub N N 243 
PHE C   OXT  sing N N 244 
PHE CB  CG   sing N N 245 
PHE CB  HB2  sing N N 246 
PHE CB  HB3  sing N N 247 
PHE CG  CD1  doub Y N 248 
PHE CG  CD2  sing Y N 249 
PHE CD1 CE1  sing Y N 250 
PHE CD1 HD1  sing N N 251 
PHE CD2 CE2  doub Y N 252 
PHE CD2 HD2  sing N N 253 
PHE CE1 CZ   doub Y N 254 
PHE CE1 HE1  sing N N 255 
PHE CE2 CZ   sing Y N 256 
PHE CE2 HE2  sing N N 257 
PHE CZ  HZ   sing N N 258 
PHE OXT HXT  sing N N 259 
PRO N   CA   sing N N 260 
PRO N   CD   sing N N 261 
PRO N   H    sing N N 262 
PRO CA  C    sing N N 263 
PRO CA  CB   sing N N 264 
PRO CA  HA   sing N N 265 
PRO C   O    doub N N 266 
PRO C   OXT  sing N N 267 
PRO CB  CG   sing N N 268 
PRO CB  HB2  sing N N 269 
PRO CB  HB3  sing N N 270 
PRO CG  CD   sing N N 271 
PRO CG  HG2  sing N N 272 
PRO CG  HG3  sing N N 273 
PRO CD  HD2  sing N N 274 
PRO CD  HD3  sing N N 275 
PRO OXT HXT  sing N N 276 
SER N   CA   sing N N 277 
SER N   H    sing N N 278 
SER N   H2   sing N N 279 
SER CA  C    sing N N 280 
SER CA  CB   sing N N 281 
SER CA  HA   sing N N 282 
SER C   O    doub N N 283 
SER C   OXT  sing N N 284 
SER CB  OG   sing N N 285 
SER CB  HB2  sing N N 286 
SER CB  HB3  sing N N 287 
SER OG  HG   sing N N 288 
SER OXT HXT  sing N N 289 
SO4 S   O1   doub N N 290 
SO4 S   O2   doub N N 291 
SO4 S   O3   sing N N 292 
SO4 S   O4   sing N N 293 
THR N   CA   sing N N 294 
THR N   H    sing N N 295 
THR N   H2   sing N N 296 
THR CA  C    sing N N 297 
THR CA  CB   sing N N 298 
THR CA  HA   sing N N 299 
THR C   O    doub N N 300 
THR C   OXT  sing N N 301 
THR CB  OG1  sing N N 302 
THR CB  CG2  sing N N 303 
THR CB  HB   sing N N 304 
THR OG1 HG1  sing N N 305 
THR CG2 HG21 sing N N 306 
THR CG2 HG22 sing N N 307 
THR CG2 HG23 sing N N 308 
THR OXT HXT  sing N N 309 
TRP N   CA   sing N N 310 
TRP N   H    sing N N 311 
TRP N   H2   sing N N 312 
TRP CA  C    sing N N 313 
TRP CA  CB   sing N N 314 
TRP CA  HA   sing N N 315 
TRP C   O    doub N N 316 
TRP C   OXT  sing N N 317 
TRP CB  CG   sing N N 318 
TRP CB  HB2  sing N N 319 
TRP CB  HB3  sing N N 320 
TRP CG  CD1  doub Y N 321 
TRP CG  CD2  sing Y N 322 
TRP CD1 NE1  sing Y N 323 
TRP CD1 HD1  sing N N 324 
TRP CD2 CE2  doub Y N 325 
TRP CD2 CE3  sing Y N 326 
TRP NE1 CE2  sing Y N 327 
TRP NE1 HE1  sing N N 328 
TRP CE2 CZ2  sing Y N 329 
TRP CE3 CZ3  doub Y N 330 
TRP CE3 HE3  sing N N 331 
TRP CZ2 CH2  doub Y N 332 
TRP CZ2 HZ2  sing N N 333 
TRP CZ3 CH2  sing Y N 334 
TRP CZ3 HZ3  sing N N 335 
TRP CH2 HH2  sing N N 336 
TRP OXT HXT  sing N N 337 
TYR N   CA   sing N N 338 
TYR N   H    sing N N 339 
TYR N   H2   sing N N 340 
TYR CA  C    sing N N 341 
TYR CA  CB   sing N N 342 
TYR CA  HA   sing N N 343 
TYR C   O    doub N N 344 
TYR C   OXT  sing N N 345 
TYR CB  CG   sing N N 346 
TYR CB  HB2  sing N N 347 
TYR CB  HB3  sing N N 348 
TYR CG  CD1  doub Y N 349 
TYR CG  CD2  sing Y N 350 
TYR CD1 CE1  sing Y N 351 
TYR CD1 HD1  sing N N 352 
TYR CD2 CE2  doub Y N 353 
TYR CD2 HD2  sing N N 354 
TYR CE1 CZ   doub Y N 355 
TYR CE1 HE1  sing N N 356 
TYR CE2 CZ   sing Y N 357 
TYR CE2 HE2  sing N N 358 
TYR CZ  OH   sing N N 359 
TYR OH  HH   sing N N 360 
TYR OXT HXT  sing N N 361 
VAL N   CA   sing N N 362 
VAL N   H    sing N N 363 
VAL N   H2   sing N N 364 
VAL CA  C    sing N N 365 
VAL CA  CB   sing N N 366 
VAL CA  HA   sing N N 367 
VAL C   O    doub N N 368 
VAL C   OXT  sing N N 369 
VAL CB  CG1  sing N N 370 
VAL CB  CG2  sing N N 371 
VAL CB  HB   sing N N 372 
VAL CG1 HG11 sing N N 373 
VAL CG1 HG12 sing N N 374 
VAL CG1 HG13 sing N N 375 
VAL CG2 HG21 sing N N 376 
VAL CG2 HG22 sing N N 377 
VAL CG2 HG23 sing N N 378 
VAL OXT HXT  sing N N 379 
# 
_pdbx_initial_refinement_model.accession_code   ? 
_pdbx_initial_refinement_model.id               1 
_pdbx_initial_refinement_model.entity_id_list   ? 
_pdbx_initial_refinement_model.type             'experimental model' 
_pdbx_initial_refinement_model.source_name      Other 
_pdbx_initial_refinement_model.details          'bovine papillomavirus E2 DNA-binding domain' 
# 
_atom_sites.entry_id                    1A7G 
_atom_sites.fract_transf_matrix[1][1]   0.00571740 
_atom_sites.fract_transf_matrix[1][2]   0.00568995 
_atom_sites.fract_transf_matrix[1][3]   -0.02383412 
_atom_sites.fract_transf_matrix[2][1]   -0.00073853 
_atom_sites.fract_transf_matrix[2][2]   -0.01784873 
_atom_sites.fract_transf_matrix[2][3]   -0.01772015 
_atom_sites.fract_transf_matrix[3][1]   -0.00490624 
_atom_sites.fract_transf_matrix[3][2]   0.00110868 
_atom_sites.fract_transf_matrix[3][3]   -0.00091225 
_atom_sites.fract_transf_vector[1]      0.654385 
_atom_sites.fract_transf_vector[2]      0.444282 
_atom_sites.fract_transf_vector[3]      0.371321 
# 
loop_
_atom_type.symbol 
C 
N 
O 
S 
# 
loop_
_atom_site.group_PDB 
_atom_site.id 
_atom_site.type_symbol 
_atom_site.label_atom_id 
_atom_site.label_alt_id 
_atom_site.label_comp_id 
_atom_site.label_asym_id 
_atom_site.label_entity_id 
_atom_site.label_seq_id 
_atom_site.pdbx_PDB_ins_code 
_atom_site.Cartn_x 
_atom_site.Cartn_y 
_atom_site.Cartn_z 
_atom_site.occupancy 
_atom_site.B_iso_or_equiv 
_atom_site.pdbx_formal_charge 
_atom_site.auth_seq_id 
_atom_site.auth_comp_id 
_atom_site.auth_asym_id 
_atom_site.auth_atom_id 
_atom_site.pdbx_PDB_model_num 
ATOM   1   N N   . ALA A 1 1  ? -5.976  19.945  6.240   1.00 41.84  ? 291 ALA E N   1 
ATOM   2   C CA  . ALA A 1 1  ? -4.895  18.980  6.603   1.00 41.57  ? 291 ALA E CA  1 
ATOM   3   C C   . ALA A 1 1  ? -5.133  17.658  5.884   1.00 40.98  ? 291 ALA E C   1 
ATOM   4   O O   . ALA A 1 1  ? -6.265  17.214  5.771   1.00 40.22  ? 291 ALA E O   1 
ATOM   5   C CB  . ALA A 1 1  ? -4.871  18.756  8.096   1.00 41.48  ? 291 ALA E CB  1 
ATOM   6   N N   . THR A 1 2  ? -4.067  17.052  5.370   1.00 42.29  ? 292 THR E N   1 
ATOM   7   C CA  . THR A 1 2  ? -4.179  15.788  4.647   1.00 36.50  ? 292 THR E CA  1 
ATOM   8   C C   . THR A 1 2  ? -3.234  14.697  5.140   1.00 33.01  ? 292 THR E C   1 
ATOM   9   O O   . THR A 1 2  ? -2.215  14.984  5.763   1.00 32.80  ? 292 THR E O   1 
ATOM   10  C CB  . THR A 1 2  ? -3.919  15.983  3.135   1.00 30.88  ? 292 THR E CB  1 
ATOM   11  O OG1 . THR A 1 2  ? -2.554  16.344  2.924   1.00 34.46  ? 292 THR E OG1 1 
ATOM   12  C CG2 . THR A 1 2  ? -4.803  17.061  2.567   1.00 24.06  ? 292 THR E CG2 1 
ATOM   13  N N   . THR A 1 3  ? -3.616  13.446  4.879   1.00 23.01  ? 293 THR E N   1 
ATOM   14  C CA  . THR A 1 3  ? -2.840  12.258  5.212   1.00 21.59  ? 293 THR E CA  1 
ATOM   15  C C   . THR A 1 3  ? -2.338  11.692  3.884   1.00 22.04  ? 293 THR E C   1 
ATOM   16  O O   . THR A 1 3  ? -3.148  11.532  2.955   1.00 27.48  ? 293 THR E O   1 
ATOM   17  C CB  . THR A 1 3  ? -3.743  11.190  5.862   1.00 19.58  ? 293 THR E CB  1 
ATOM   18  O OG1 . THR A 1 3  ? -4.138  11.623  7.159   1.00 23.11  ? 293 THR E OG1 1 
ATOM   19  C CG2 . THR A 1 3  ? -3.043  9.878   5.976   1.00 14.57  ? 293 THR E CG2 1 
ATOM   20  N N   . PRO A 1 4  ? -1.003  11.539  3.704   1.00 16.17  ? 294 PRO E N   1 
ATOM   21  C CA  . PRO A 1 4  ? -0.563  10.973  2.420   1.00 9.64   ? 294 PRO E CA  1 
ATOM   22  C C   . PRO A 1 4  ? -1.018  9.527   2.455   1.00 9.17   ? 294 PRO E C   1 
ATOM   23  O O   . PRO A 1 4  ? -0.950  8.919   3.523   1.00 13.53  ? 294 PRO E O   1 
ATOM   24  C CB  . PRO A 1 4  ? 0.972   11.038  2.516   1.00 11.83  ? 294 PRO E CB  1 
ATOM   25  C CG  . PRO A 1 4  ? 1.232   12.106  3.499   1.00 11.40  ? 294 PRO E CG  1 
ATOM   26  C CD  . PRO A 1 4  ? 0.154   11.910  4.542   1.00 11.63  ? 294 PRO E CD  1 
ATOM   27  N N   . ILE A 1 5  ? -1.526  8.965   1.361   1.00 13.26  ? 295 ILE E N   1 
ATOM   28  C CA  . ILE A 1 5  ? -1.933  7.548   1.368   1.00 12.37  ? 295 ILE E CA  1 
ATOM   29  C C   . ILE A 1 5  ? -1.352  6.812   0.178   1.00 14.26  ? 295 ILE E C   1 
ATOM   30  O O   . ILE A 1 5  ? -0.785  7.426   -0.724  1.00 14.38  ? 295 ILE E O   1 
ATOM   31  C CB  . ILE A 1 5  ? -3.457  7.339   1.375   1.00 11.70  ? 295 ILE E CB  1 
ATOM   32  C CG1 . ILE A 1 5  ? -4.064  7.815   0.059   1.00 13.33  ? 295 ILE E CG1 1 
ATOM   33  C CG2 . ILE A 1 5  ? -4.067  7.947   2.604   1.00 8.34   ? 295 ILE E CG2 1 
ATOM   34  C CD1 . ILE A 1 5  ? -5.582  7.605   -0.055  1.00 19.17  ? 295 ILE E CD1 1 
ATOM   35  N N   . ILE A 1 6  ? -1.384  5.490   0.208   1.00 22.27  ? 296 ILE E N   1 
ATOM   36  C CA  . ILE A 1 6  ? -0.872  4.716   -0.920  1.00 17.48  ? 296 ILE E CA  1 
ATOM   37  C C   . ILE A 1 6  ? -1.712  3.491   -1.199  1.00 17.09  ? 296 ILE E C   1 
ATOM   38  O O   . ILE A 1 6  ? -2.256  2.916   -0.287  1.00 13.76  ? 296 ILE E O   1 
ATOM   39  C CB  . ILE A 1 6  ? 0.631   4.333   -0.739  1.00 12.37  ? 296 ILE E CB  1 
ATOM   40  C CG1 . ILE A 1 6  ? 1.533   5.430   -1.333  1.00 16.64  ? 296 ILE E CG1 1 
ATOM   41  C CG2 . ILE A 1 6  ? 0.954   3.027   -1.386  1.00 11.72  ? 296 ILE E CG2 1 
ATOM   42  C CD1 . ILE A 1 6  ? 3.027   5.087   -1.349  1.00 11.83  ? 296 ILE E CD1 1 
ATOM   43  N N   . HIS A 1 7  ? -1.894  3.153   -2.466  1.00 19.26  ? 297 HIS E N   1 
ATOM   44  C CA  . HIS A 1 7  ? -2.627  1.939   -2.842  1.00 17.98  ? 297 HIS E CA  1 
ATOM   45  C C   . HIS A 1 7  ? -1.652  1.058   -3.519  1.00 14.01  ? 297 HIS E C   1 
ATOM   46  O O   . HIS A 1 7  ? -0.970  1.516   -4.420  1.00 10.35  ? 297 HIS E O   1 
ATOM   47  C CB  . HIS A 1 7  ? -3.747  2.156   -3.887  1.00 13.79  ? 297 HIS E CB  1 
ATOM   48  C CG  . HIS A 1 7  ? -5.022  2.678   -3.308  1.00 7.51   ? 297 HIS E CG  1 
ATOM   49  N ND1 . HIS A 1 7  ? -6.106  3.018   -4.075  1.00 11.29  ? 297 HIS E ND1 1 
ATOM   50  C CD2 . HIS A 1 7  ? -5.340  2.993   -2.032  1.00 6.64   ? 297 HIS E CD2 1 
ATOM   51  C CE1 . HIS A 1 7  ? -7.041  3.536   -3.302  1.00 4.68   ? 297 HIS E CE1 1 
ATOM   52  N NE2 . HIS A 1 7  ? -6.599  3.537   -2.060  1.00 11.75  ? 297 HIS E NE2 1 
ATOM   53  N N   . LEU A 1 8  ? -1.497  -0.151  -3.000  1.00 18.39  ? 298 LEU E N   1 
ATOM   54  C CA  . LEU A 1 8  ? -0.662  -1.174  -3.613  1.00 16.53  ? 298 LEU E CA  1 
ATOM   55  C C   . LEU A 1 8  ? -1.733  -2.030  -4.283  1.00 17.11  ? 298 LEU E C   1 
ATOM   56  O O   . LEU A 1 8  ? -2.700  -2.446  -3.632  1.00 18.95  ? 298 LEU E O   1 
ATOM   57  C CB  . LEU A 1 8  ? 0.074   -1.984  -2.551  1.00 14.07  ? 298 LEU E CB  1 
ATOM   58  C CG  . LEU A 1 8  ? 0.978   -1.099  -1.694  1.00 21.24  ? 298 LEU E CG  1 
ATOM   59  C CD1 . LEU A 1 8  ? 1.704   -1.933  -0.639  1.00 15.31  ? 298 LEU E CD1 1 
ATOM   60  C CD2 . LEU A 1 8  ? 1.962   -0.367  -2.606  1.00 5.74   ? 298 LEU E CD2 1 
ATOM   61  N N   . LYS A 1 9  ? -1.601  -2.260  -5.582  1.00 21.09  ? 299 LYS E N   1 
ATOM   62  C CA  . LYS A 1 9  ? -2.609  -3.036  -6.284  1.00 23.57  ? 299 LYS E CA  1 
ATOM   63  C C   . LYS A 1 9  ? -1.957  -4.221  -6.957  1.00 22.89  ? 299 LYS E C   1 
ATOM   64  O O   . LYS A 1 9  ? -0.840  -4.102  -7.439  1.00 24.32  ? 299 LYS E O   1 
ATOM   65  C CB  . LYS A 1 9  ? -3.346  -2.175  -7.306  1.00 23.74  ? 299 LYS E CB  1 
ATOM   66  C CG  . LYS A 1 9  ? -4.533  -2.898  -7.937  1.00 38.04  ? 299 LYS E CG  1 
ATOM   67  C CD  . LYS A 1 9  ? -5.252  -2.043  -8.984  1.00 33.07  ? 299 LYS E CD  1 
ATOM   68  C CE  . LYS A 1 9  ? -6.436  -2.780  -9.591  1.00 33.26  ? 299 LYS E CE  1 
ATOM   69  N NZ  . LYS A 1 9  ? -7.731  -2.555  -8.899  1.00 27.15  ? 299 LYS E NZ  1 
ATOM   70  N N   . GLY A 1 10 ? -2.624  -5.378  -6.917  1.00 23.38  ? 300 GLY E N   1 
ATOM   71  C CA  . GLY A 1 10 ? -2.080  -6.583  -7.538  1.00 19.40  ? 300 GLY E CA  1 
ATOM   72  C C   . GLY A 1 10 ? -2.660  -7.889  -7.004  1.00 22.63  ? 300 GLY E C   1 
ATOM   73  O O   . GLY A 1 10 ? -3.760  -7.926  -6.438  1.00 20.88  ? 300 GLY E O   1 
ATOM   74  N N   . ASP A 1 11 ? -1.930  -8.981  -7.207  1.00 15.57  ? 301 ASP E N   1 
ATOM   75  C CA  . ASP A 1 11 ? -2.383  -10.285 -6.740  1.00 12.44  ? 301 ASP E CA  1 
ATOM   76  C C   . ASP A 1 11 ? -2.511  -10.232 -5.236  1.00 14.25  ? 301 ASP E C   1 
ATOM   77  O O   . ASP A 1 11 ? -1.644  -9.675  -4.568  1.00 31.98  ? 301 ASP E O   1 
ATOM   78  C CB  . ASP A 1 11 ? -1.370  -11.353 -7.143  1.00 27.95  ? 301 ASP E CB  1 
ATOM   79  C CG  . ASP A 1 11 ? -1.802  -12.751 -6.751  1.00 26.62  ? 301 ASP E CG  1 
ATOM   80  O OD1 . ASP A 1 11 ? -1.470  -13.203 -5.641  1.00 41.46  ? 301 ASP E OD1 1 
ATOM   81  O OD2 . ASP A 1 11 ? -2.456  -13.411 -7.568  1.00 39.70  ? 301 ASP E OD2 1 
ATOM   82  N N   . ALA A 1 12 ? -3.549  -10.855 -4.694  1.00 18.59  ? 302 ALA E N   1 
ATOM   83  C CA  . ALA A 1 12 ? -3.755  -10.863 -3.253  1.00 21.55  ? 302 ALA E CA  1 
ATOM   84  C C   . ALA A 1 12 ? -2.636  -11.491 -2.401  1.00 24.19  ? 302 ALA E C   1 
ATOM   85  O O   . ALA A 1 12 ? -2.292  -10.954 -1.336  1.00 25.16  ? 302 ALA E O   1 
ATOM   86  C CB  . ALA A 1 12 ? -5.095  -11.453 -2.915  1.00 16.47  ? 302 ALA E CB  1 
ATOM   87  N N   . ASN A 1 13 ? -2.092  -12.636 -2.825  1.00 28.04  ? 303 ASN E N   1 
ATOM   88  C CA  . ASN A 1 13 ? -1.006  -13.263 -2.069  1.00 21.88  ? 303 ASN E CA  1 
ATOM   89  C C   . ASN A 1 13 ? 0.229   -12.419 -2.120  1.00 27.57  ? 303 ASN E C   1 
ATOM   90  O O   . ASN A 1 13 ? 0.930   -12.303 -1.118  1.00 39.11  ? 303 ASN E O   1 
ATOM   91  C CB  . ASN A 1 13 ? -0.657  -14.643 -2.588  1.00 39.41  ? 303 ASN E CB  1 
ATOM   92  C CG  . ASN A 1 13 ? -1.719  -15.653 -2.289  1.00 51.29  ? 303 ASN E CG  1 
ATOM   93  O OD1 . ASN A 1 13 ? -2.827  -15.303 -1.890  1.00 48.17  ? 303 ASN E OD1 1 
ATOM   94  N ND2 . ASN A 1 13 ? -1.382  -16.931 -2.456  1.00 51.77  ? 303 ASN E ND2 1 
ATOM   95  N N   . ILE A 1 14 ? 0.515   -11.824 -3.279  1.00 24.43  ? 304 ILE E N   1 
ATOM   96  C CA  . ILE A 1 14 ? 1.695   -10.968 -3.374  1.00 25.08  ? 304 ILE E CA  1 
ATOM   97  C C   . ILE A 1 14 ? 1.634   -9.793  -2.406  1.00 24.86  ? 304 ILE E C   1 
ATOM   98  O O   . ILE A 1 14 ? 2.655   -9.423  -1.819  1.00 25.42  ? 304 ILE E O   1 
ATOM   99  C CB  . ILE A 1 14 ? 1.908   -10.426 -4.777  1.00 21.64  ? 304 ILE E CB  1 
ATOM   100 C CG1 . ILE A 1 14 ? 2.223   -11.570 -5.729  1.00 15.44  ? 304 ILE E CG1 1 
ATOM   101 C CG2 . ILE A 1 14 ? 2.996   -9.409  -4.792  1.00 12.61  ? 304 ILE E CG2 1 
ATOM   102 C CD1 . ILE A 1 14 ? 2.471   -11.099 -7.129  1.00 24.23  ? 304 ILE E CD1 1 
ATOM   103 N N   . LEU A 1 15 ? 0.462   -9.186  -2.270  1.00 23.47  ? 305 LEU E N   1 
ATOM   104 C CA  . LEU A 1 15 ? 0.276   -8.078  -1.339  1.00 23.34  ? 305 LEU E CA  1 
ATOM   105 C C   . LEU A 1 15 ? 0.412   -8.543  0.110   1.00 18.64  ? 305 LEU E C   1 
ATOM   106 O O   . LEU A 1 15 ? 0.892   -7.809  0.972   1.00 18.16  ? 305 LEU E O   1 
ATOM   107 C CB  . LEU A 1 15 ? -1.082  -7.404  -1.565  1.00 17.48  ? 305 LEU E CB  1 
ATOM   108 C CG  . LEU A 1 15 ? -1.296  -6.824  -2.967  1.00 16.49  ? 305 LEU E CG  1 
ATOM   109 C CD1 . LEU A 1 15 ? -2.600  -6.076  -2.995  1.00 16.38  ? 305 LEU E CD1 1 
ATOM   110 C CD2 . LEU A 1 15 ? -0.174  -5.928  -3.390  1.00 11.71  ? 305 LEU E CD2 1 
ATOM   111 N N   . LYS A 1 16 ? -0.128  -9.715  0.397   1.00 17.16  ? 306 LYS E N   1 
ATOM   112 C CA  . LYS A 1 16 ? -0.040  -10.289 1.735   1.00 22.57  ? 306 LYS E CA  1 
ATOM   113 C C   . LYS A 1 16 ? 1.382   -10.528 2.139   1.00 21.51  ? 306 LYS E C   1 
ATOM   114 O O   . LYS A 1 16 ? 1.751   -10.226 3.270   1.00 28.89  ? 306 LYS E O   1 
ATOM   115 C CB  . LYS A 1 16 ? -0.874  -11.569 1.883   1.00 30.68  ? 306 LYS E CB  1 
ATOM   116 C CG  . LYS A 1 16 ? -2.354  -11.316 1.648   1.00 33.67  ? 306 LYS E CG  1 
ATOM   117 C CD  . LYS A 1 16 ? -3.204  -12.548 1.832   1.00 37.07  ? 306 LYS E CD  1 
ATOM   118 C CE  . LYS A 1 16 ? -4.677  -12.239 1.539   1.00 41.13  ? 306 LYS E CE  1 
ATOM   119 N NZ  . LYS A 1 16 ? -5.603  -13.302 1.991   1.00 40.52  ? 306 LYS E NZ  1 
ATOM   120 N N   . CYS A 1 17 ? 2.197   -11.007 1.203   1.00 22.95  ? 307 CYS E N   1 
ATOM   121 C CA  . CYS A 1 17 ? 3.607   -11.240 1.494   1.00 28.04  ? 307 CYS E CA  1 
ATOM   122 C C   . CYS A 1 17 ? 4.365   -9.927  1.654   1.00 24.95  ? 307 CYS E C   1 
ATOM   123 O O   . CYS A 1 17 ? 5.224   -9.791  2.533   1.00 26.86  ? 307 CYS E O   1 
ATOM   124 C CB  . CYS A 1 17 ? 4.245   -12.158 0.448   1.00 33.73  ? 307 CYS E CB  1 
ATOM   125 S SG  . CYS A 1 17 ? 3.692   -13.898 0.595   1.00 38.96  ? 307 CYS E SG  1 
ATOM   126 N N   . LEU A 1 18 ? 4.035   -8.962  0.804   1.00 19.26  ? 308 LEU E N   1 
ATOM   127 C CA  . LEU A 1 18 ? 4.653   -7.639  0.856   1.00 19.64  ? 308 LEU E CA  1 
ATOM   128 C C   . LEU A 1 18 ? 4.346   -7.029  2.234   1.00 19.51  ? 308 LEU E C   1 
ATOM   129 O O   . LEU A 1 18 ? 5.233   -6.509  2.909   1.00 18.33  ? 308 LEU E O   1 
ATOM   130 C CB  . LEU A 1 18 ? 4.080   -6.761  -0.265  1.00 25.34  ? 308 LEU E CB  1 
ATOM   131 C CG  . LEU A 1 18 ? 4.803   -5.489  -0.733  1.00 29.19  ? 308 LEU E CG  1 
ATOM   132 C CD1 . LEU A 1 18 ? 4.197   -5.042  -2.049  1.00 29.96  ? 308 LEU E CD1 1 
ATOM   133 C CD2 . LEU A 1 18 ? 4.745   -4.391  0.286   1.00 36.58  ? 308 LEU E CD2 1 
ATOM   134 N N   . ARG A 1 19 ? 3.083   -7.189  2.668   1.00 25.20  ? 309 ARG E N   1 
ATOM   135 C CA  . ARG A 1 19 ? 2.605   -6.679  3.965   1.00 21.91  ? 309 ARG E CA  1 
ATOM   136 C C   . ARG A 1 19 ? 3.402   -7.309  5.121   1.00 18.89  ? 309 ARG E C   1 
ATOM   137 O O   . ARG A 1 19 ? 3.698   -6.627  6.101   1.00 28.07  ? 309 ARG E O   1 
ATOM   138 C CB  . ARG A 1 19 ? 1.103   -6.942  4.135   1.00 14.65  ? 309 ARG E CB  1 
ATOM   139 C CG  . ARG A 1 19 ? 0.470   -6.013  5.154   1.00 20.39  ? 309 ARG E CG  1 
ATOM   140 C CD  . ARG A 1 19 ? -0.873  -6.452  5.665   1.00 18.13  ? 309 ARG E CD  1 
ATOM   141 N NE  . ARG A 1 19 ? -1.766  -6.804  4.576   1.00 27.47  ? 309 ARG E NE  1 
ATOM   142 C CZ  . ARG A 1 19 ? -2.524  -7.901  4.565   1.00 30.10  ? 309 ARG E CZ  1 
ATOM   143 N NH1 . ARG A 1 19 ? -2.514  -8.736  5.597   1.00 28.49  ? 309 ARG E NH1 1 
ATOM   144 N NH2 . ARG A 1 19 ? -3.189  -8.245  3.468   1.00 32.30  ? 309 ARG E NH2 1 
ATOM   145 N N   . TYR A 1 20 ? 3.697   -8.604  5.057   1.00 19.01  ? 310 TYR E N   1 
ATOM   146 C CA  . TYR A 1 20 ? 4.540   -9.229  6.076   1.00 21.66  ? 310 TYR E CA  1 
ATOM   147 C C   . TYR A 1 20 ? 5.921   -8.586  6.077   1.00 18.88  ? 310 TYR E C   1 
ATOM   148 O O   . TYR A 1 20 ? 6.501   -8.368  7.136   1.00 18.80  ? 310 TYR E O   1 
ATOM   149 C CB  . TYR A 1 20 ? 4.746   -10.722 5.834   1.00 13.81  ? 310 TYR E CB  1 
ATOM   150 C CG  . TYR A 1 20 ? 3.571   -11.598 6.118   1.00 8.28   ? 310 TYR E CG  1 
ATOM   151 C CD1 . TYR A 1 20 ? 2.971   -11.590 7.365   1.00 2.29   ? 310 TYR E CD1 1 
ATOM   152 C CD2 . TYR A 1 20 ? 3.084   -12.480 5.143   1.00 11.64  ? 310 TYR E CD2 1 
ATOM   153 C CE1 . TYR A 1 20 ? 1.918   -12.435 7.658   1.00 4.89   ? 310 TYR E CE1 1 
ATOM   154 C CE2 . TYR A 1 20 ? 2.012   -13.339 5.413   1.00 2.95   ? 310 TYR E CE2 1 
ATOM   155 C CZ  . TYR A 1 20 ? 1.450   -13.304 6.682   1.00 9.28   ? 310 TYR E CZ  1 
ATOM   156 O OH  . TYR A 1 20 ? 0.456   -14.202 7.005   1.00 14.39  ? 310 TYR E OH  1 
ATOM   157 N N   . ARG A 1 21 ? 6.464   -8.324  4.894   1.00 16.51  ? 311 ARG E N   1 
ATOM   158 C CA  . ARG A 1 21 ? 7.785   -7.689  4.768   1.00 17.74  ? 311 ARG E CA  1 
ATOM   159 C C   . ARG A 1 21 ? 7.857   -6.253  5.303   1.00 20.62  ? 311 ARG E C   1 
ATOM   160 O O   . ARG A 1 21 ? 8.918   -5.770  5.679   1.00 26.46  ? 311 ARG E O   1 
ATOM   161 C CB  . ARG A 1 21 ? 8.272   -7.757  3.328   1.00 14.02  ? 311 ARG E CB  1 
ATOM   162 C CG  . ARG A 1 21 ? 8.452   -9.162  2.865   1.00 14.05  ? 311 ARG E CG  1 
ATOM   163 C CD  . ARG A 1 21 ? 9.029   -9.217  1.479   1.00 21.22  ? 311 ARG E CD  1 
ATOM   164 N NE  . ARG A 1 21 ? 9.693   -10.511 1.293   1.00 29.16  ? 311 ARG E NE  1 
ATOM   165 C CZ  . ARG A 1 21 ? 9.197   -11.545 0.629   1.00 28.47  ? 311 ARG E CZ  1 
ATOM   166 N NH1 . ARG A 1 21 ? 7.998   -11.459 0.046   1.00 30.30  ? 311 ARG E NH1 1 
ATOM   167 N NH2 . ARG A 1 21 ? 9.905   -12.669 0.579   1.00 26.58  ? 311 ARG E NH2 1 
ATOM   168 N N   . LEU A 1 22 ? 6.734   -5.546  5.267   1.00 26.07  ? 312 LEU E N   1 
ATOM   169 C CA  . LEU A 1 22 ? 6.675   -4.183  5.775   1.00 28.27  ? 312 LEU E CA  1 
ATOM   170 C C   . LEU A 1 22 ? 6.995   -4.158  7.260   1.00 35.21  ? 312 LEU E C   1 
ATOM   171 O O   . LEU A 1 22 ? 7.291   -3.092  7.787   1.00 47.00  ? 312 LEU E O   1 
ATOM   172 C CB  . LEU A 1 22 ? 5.291   -3.580  5.540   1.00 36.76  ? 312 LEU E CB  1 
ATOM   173 C CG  . LEU A 1 22 ? 4.869   -3.510  4.065   1.00 47.08  ? 312 LEU E CG  1 
ATOM   174 C CD1 . LEU A 1 22 ? 3.483   -2.911  3.902   1.00 44.90  ? 312 LEU E CD1 1 
ATOM   175 C CD2 . LEU A 1 22 ? 5.893   -2.727  3.268   1.00 46.87  ? 312 LEU E CD2 1 
ATOM   176 N N   . SER A 1 23 ? 6.885   -5.304  7.950   1.00 42.76  ? 313 SER E N   1 
ATOM   177 C CA  . SER A 1 23 ? 7.144   -5.374  9.410   1.00 44.00  ? 313 SER E CA  1 
ATOM   178 C C   . SER A 1 23 ? 8.541   -4.910  9.757   1.00 42.48  ? 313 SER E C   1 
ATOM   179 O O   . SER A 1 23 ? 8.833   -4.592  10.904  1.00 45.35  ? 313 SER E O   1 
ATOM   180 C CB  . SER A 1 23 ? 6.931   -6.777  9.981   1.00 46.73  ? 313 SER E CB  1 
ATOM   181 O OG  . SER A 1 23 ? 8.043   -7.616  9.737   1.00 48.46  ? 313 SER E OG  1 
ATOM   182 N N   . LYS A 1 24 ? 9.423   -4.997  8.770   1.00 39.76  ? 314 LYS E N   1 
ATOM   183 C CA  . LYS A 1 24 ? 10.803  -4.553  8.901   1.00 40.71  ? 314 LYS E CA  1 
ATOM   184 C C   . LYS A 1 24 ? 10.885  -3.034  8.744   1.00 32.54  ? 314 LYS E C   1 
ATOM   185 O O   . LYS A 1 24 ? 11.875  -2.407  9.120   1.00 40.26  ? 314 LYS E O   1 
ATOM   186 C CB  . LYS A 1 24 ? 11.672  -5.231  7.832   1.00 44.39  ? 314 LYS E CB  1 
ATOM   187 C CG  . LYS A 1 24 ? 13.057  -4.636  7.758   1.00 57.45  ? 314 LYS E CG  1 
ATOM   188 C CD  . LYS A 1 24 ? 13.946  -5.200  6.671   1.00 59.47  ? 314 LYS E CD  1 
ATOM   189 C CE  . LYS A 1 24 ? 15.210  -4.337  6.600   1.00 62.57  ? 314 LYS E CE  1 
ATOM   190 N NZ  . LYS A 1 24 ? 15.810  -4.108  7.951   1.00 58.94  ? 314 LYS E NZ  1 
ATOM   191 N N   . TYR A 1 25 ? 9.821   -2.448  8.213   1.00 26.42  ? 315 TYR E N   1 
ATOM   192 C CA  . TYR A 1 25 ? 9.787   -1.018  7.933   1.00 24.30  ? 315 TYR E CA  1 
ATOM   193 C C   . TYR A 1 25 ? 8.672   -0.167  8.554   1.00 25.37  ? 315 TYR E C   1 
ATOM   194 O O   . TYR A 1 25 ? 8.349   0.907   8.026   1.00 24.96  ? 315 TYR E O   1 
ATOM   195 C CB  . TYR A 1 25 ? 9.725   -0.876  6.433   1.00 19.54  ? 315 TYR E CB  1 
ATOM   196 C CG  . TYR A 1 25 ? 10.901  -1.513  5.745   1.00 23.92  ? 315 TYR E CG  1 
ATOM   197 C CD1 . TYR A 1 25 ? 12.082  -0.803  5.556   1.00 27.84  ? 315 TYR E CD1 1 
ATOM   198 C CD2 . TYR A 1 25 ? 10.824  -2.803  5.230   1.00 19.51  ? 315 TYR E CD2 1 
ATOM   199 C CE1 . TYR A 1 25 ? 13.147  -1.357  4.858   1.00 23.30  ? 315 TYR E CE1 1 
ATOM   200 C CE2 . TYR A 1 25 ? 11.885  -3.359  4.539   1.00 20.14  ? 315 TYR E CE2 1 
ATOM   201 C CZ  . TYR A 1 25 ? 13.030  -2.623  4.349   1.00 18.64  ? 315 TYR E CZ  1 
ATOM   202 O OH  . TYR A 1 25 ? 14.043  -3.089  3.559   1.00 30.84  ? 315 TYR E OH  1 
ATOM   203 N N   . LYS A 1 26 ? 8.184   -0.591  9.719   1.00 17.18  ? 316 LYS E N   1 
ATOM   204 C CA  . LYS A 1 26 ? 7.092   0.044   10.458  1.00 16.85  ? 316 LYS E CA  1 
ATOM   205 C C   . LYS A 1 26 ? 7.293   1.515   10.678  1.00 17.81  ? 316 LYS E C   1 
ATOM   206 O O   . LYS A 1 26 ? 6.328   2.244   10.871  1.00 20.62  ? 316 LYS E O   1 
ATOM   207 C CB  . LYS A 1 26 ? 6.961   -0.609  11.818  1.00 19.03  ? 316 LYS E CB  1 
ATOM   208 C CG  . LYS A 1 26 ? 6.689   -2.059  11.722  1.00 20.54  ? 316 LYS E CG  1 
ATOM   209 C CD  . LYS A 1 26 ? 7.004   -2.714  13.022  1.00 29.04  ? 316 LYS E CD  1 
ATOM   210 C CE  . LYS A 1 26 ? 8.441   -2.367  13.498  1.00 36.08  ? 316 LYS E CE  1 
ATOM   211 N NZ  . LYS A 1 26 ? 9.554   -2.654  12.518  1.00 33.40  ? 316 LYS E NZ  1 
ATOM   212 N N   . GLN A 1 27 ? 8.546   1.938   10.790  1.00 28.58  ? 317 GLN E N   1 
ATOM   213 C CA  . GLN A 1 27 ? 8.818   3.367   10.979  1.00 28.84  ? 317 GLN E CA  1 
ATOM   214 C C   . GLN A 1 27 ? 8.543   4.132   9.698   1.00 24.47  ? 317 GLN E C   1 
ATOM   215 O O   . GLN A 1 27 ? 8.389   5.341   9.724   1.00 24.82  ? 317 GLN E O   1 
ATOM   216 C CB  . GLN A 1 27 ? 10.267  3.659   11.470  1.00 26.68  ? 317 GLN E CB  1 
ATOM   217 C CG  . GLN A 1 27 ? 11.391  3.583   10.437  1.00 16.69  ? 317 GLN E CG  1 
ATOM   218 C CD  . GLN A 1 27 ? 11.831  2.172   10.162  1.00 13.44  ? 317 GLN E CD  1 
ATOM   219 O OE1 . GLN A 1 27 ? 12.809  1.939   9.466   1.00 15.96  ? 317 GLN E OE1 1 
ATOM   220 N NE2 . GLN A 1 27 ? 11.155  1.228   10.756  1.00 14.35  ? 317 GLN E NE2 1 
ATOM   221 N N   . LEU A 1 28 ? 8.520   3.420   8.581   1.00 17.17  ? 318 LEU E N   1 
ATOM   222 C CA  . LEU A 1 28 ? 8.297   4.017   7.273   1.00 15.24  ? 318 LEU E CA  1 
ATOM   223 C C   . LEU A 1 28 ? 6.848   4.201   6.807   1.00 14.17  ? 318 LEU E C   1 
ATOM   224 O O   . LEU A 1 28 ? 6.602   4.614   5.666   1.00 12.18  ? 318 LEU E O   1 
ATOM   225 C CB  . LEU A 1 28 ? 9.113   3.263   6.224   1.00 18.26  ? 318 LEU E CB  1 
ATOM   226 C CG  . LEU A 1 28 ? 10.629  3.248   6.417   1.00 18.03  ? 318 LEU E CG  1 
ATOM   227 C CD1 . LEU A 1 28 ? 11.235  2.583   5.211   1.00 16.93  ? 318 LEU E CD1 1 
ATOM   228 C CD2 . LEU A 1 28 ? 11.178  4.655   6.579   1.00 7.52   ? 318 LEU E CD2 1 
ATOM   229 N N   . TYR A 1 29 ? 5.896   3.789   7.633   1.00 20.43  ? 319 TYR E N   1 
ATOM   230 C CA  . TYR A 1 29 ? 4.474   3.981   7.328   1.00 19.92  ? 319 TYR E CA  1 
ATOM   231 C C   . TYR A 1 29 ? 3.729   3.865   8.656   1.00 26.30  ? 319 TYR E C   1 
ATOM   232 O O   . TYR A 1 29 ? 4.288   3.406   9.670   1.00 23.31  ? 319 TYR E O   1 
ATOM   233 C CB  . TYR A 1 29 ? 3.943   2.944   6.337   1.00 14.10  ? 319 TYR E CB  1 
ATOM   234 C CG  . TYR A 1 29 ? 3.842   1.571   6.932   1.00 16.44  ? 319 TYR E CG  1 
ATOM   235 C CD1 . TYR A 1 29 ? 4.952   0.729   6.982   1.00 16.21  ? 319 TYR E CD1 1 
ATOM   236 C CD2 . TYR A 1 29 ? 2.665   1.158   7.551   1.00 19.61  ? 319 TYR E CD2 1 
ATOM   237 C CE1 . TYR A 1 29 ? 4.891   -0.476  7.646   1.00 19.19  ? 319 TYR E CE1 1 
ATOM   238 C CE2 . TYR A 1 29 ? 2.598   -0.031  8.218   1.00 14.16  ? 319 TYR E CE2 1 
ATOM   239 C CZ  . TYR A 1 29 ? 3.714   -0.841  8.263   1.00 19.95  ? 319 TYR E CZ  1 
ATOM   240 O OH  . TYR A 1 29 ? 3.659   -2.021  8.942   1.00 26.05  ? 319 TYR E OH  1 
ATOM   241 N N   . GLU A 1 30 ? 2.465   4.261   8.659   1.00 25.36  ? 320 GLU E N   1 
ATOM   242 C CA  . GLU A 1 30 ? 1.656   4.186   9.870   1.00 19.00  ? 320 GLU E CA  1 
ATOM   243 C C   . GLU A 1 30 ? 0.744   2.980   9.905   1.00 20.64  ? 320 GLU E C   1 
ATOM   244 O O   . GLU A 1 30 ? 0.887   2.119   10.766  1.00 27.39  ? 320 GLU E O   1 
ATOM   245 C CB  . GLU A 1 30 ? 0.880   5.482   10.056  1.00 24.41  ? 320 GLU E CB  1 
ATOM   246 C CG  . GLU A 1 30 ? 1.815   6.598   10.367  1.00 34.57  ? 320 GLU E CG  1 
ATOM   247 C CD  . GLU A 1 30 ? 2.623   6.297   11.627  1.00 43.48  ? 320 GLU E CD  1 
ATOM   248 O OE1 . GLU A 1 30 ? 2.029   6.352   12.725  1.00 48.26  ? 320 GLU E OE1 1 
ATOM   249 O OE2 . GLU A 1 30 ? 3.830   5.958   11.526  1.00 44.93  ? 320 GLU E OE2 1 
ATOM   250 N N   . GLN A 1 31 ? -0.192  2.918   8.956   1.00 19.21  ? 321 GLN E N   1 
ATOM   251 C CA  . GLN A 1 31 ? -1.140  1.825   8.885   1.00 15.88  ? 321 GLN E CA  1 
ATOM   252 C C   . GLN A 1 31 ? -1.236  1.179   7.514   1.00 17.59  ? 321 GLN E C   1 
ATOM   253 O O   . GLN A 1 31 ? -1.036  1.851   6.505   1.00 13.08  ? 321 GLN E O   1 
ATOM   254 C CB  . GLN A 1 31 ? -2.486  2.331   9.331   1.00 20.43  ? 321 GLN E CB  1 
ATOM   255 C CG  . GLN A 1 31 ? -2.377  2.972   10.663  1.00 22.99  ? 321 GLN E CG  1 
ATOM   256 C CD  . GLN A 1 31 ? -3.675  3.277   11.238  1.00 26.62  ? 321 GLN E CD  1 
ATOM   257 O OE1 . GLN A 1 31 ? -4.056  2.686   12.239  1.00 25.83  ? 321 GLN E OE1 1 
ATOM   258 N NE2 . GLN A 1 31 ? -4.400  4.211   10.620  1.00 25.65  ? 321 GLN E NE2 1 
ATOM   259 N N   . VAL A 1 32 ? -1.456  -0.145  7.510   1.00 9.61   ? 322 VAL E N   1 
ATOM   260 C CA  . VAL A 1 32 ? -1.591  -0.932  6.284   1.00 8.63   ? 322 VAL E CA  1 
ATOM   261 C C   . VAL A 1 32 ? -2.973  -1.542  6.454   1.00 12.51  ? 322 VAL E C   1 
ATOM   262 O O   . VAL A 1 32 ? -3.308  -2.014  7.530   1.00 14.11  ? 322 VAL E O   1 
ATOM   263 C CB  . VAL A 1 32 ? -0.594  -2.121  6.139   1.00 13.58  ? 322 VAL E CB  1 
ATOM   264 C CG1 . VAL A 1 32 ? -0.209  -2.319  4.693   1.00 10.42  ? 322 VAL E CG1 1 
ATOM   265 C CG2 . VAL A 1 32 ? 0.576   -1.955  6.959   1.00 14.58  ? 322 VAL E CG2 1 
ATOM   266 N N   . SER A 1 33 ? -3.793  -1.475  5.425   1.00 15.27  ? 323 SER E N   1 
ATOM   267 C CA  . SER A 1 33 ? -5.109  -2.046  5.534   1.00 20.78  ? 323 SER E CA  1 
ATOM   268 C C   . SER A 1 33 ? -4.993  -3.511  5.220   1.00 20.18  ? 323 SER E C   1 
ATOM   269 O O   . SER A 1 33 ? -3.926  -3.989  4.887   1.00 20.65  ? 323 SER E O   1 
ATOM   270 C CB  . SER A 1 33 ? -6.038  -1.425  4.499   1.00 19.71  ? 323 SER E CB  1 
ATOM   271 O OG  . SER A 1 33 ? -5.713  -1.893  3.211   1.00 7.09   ? 323 SER E OG  1 
ATOM   272 N N   . SER A 1 34 ? -6.066  -4.243  5.463   1.00 14.37  ? 324 SER E N   1 
ATOM   273 C CA  . SER A 1 34 ? -6.131  -5.628  5.064   1.00 13.78  ? 324 SER E CA  1 
ATOM   274 C C   . SER A 1 34 ? -6.455  -5.529  3.538   1.00 11.75  ? 324 SER E C   1 
ATOM   275 O O   . SER A 1 34 ? -6.594  -4.436  2.979   1.00 8.25   ? 324 SER E O   1 
ATOM   276 C CB  . SER A 1 34 ? -7.248  -6.324  5.838   1.00 18.70  ? 324 SER E CB  1 
ATOM   277 O OG  . SER A 1 34 ? -8.444  -5.540  5.805   1.00 17.87  ? 324 SER E OG  1 
ATOM   278 N N   . THR A 1 35 ? -6.406  -6.652  2.847   1.00 14.74  ? 325 THR E N   1 
ATOM   279 C CA  . THR A 1 35 ? -6.697  -6.680  1.424   1.00 18.09  ? 325 THR E CA  1 
ATOM   280 C C   . THR A 1 35 ? -8.181  -6.445  1.123   1.00 17.38  ? 325 THR E C   1 
ATOM   281 O O   . THR A 1 35 ? -9.091  -6.922  1.821   1.00 26.25  ? 325 THR E O   1 
ATOM   282 C CB  . THR A 1 35 ? -6.187  -7.972  0.744   1.00 22.83  ? 325 THR E CB  1 
ATOM   283 O OG1 . THR A 1 35 ? -4.796  -8.163  1.045   1.00 29.06  ? 325 THR E OG1 1 
ATOM   284 C CG2 . THR A 1 35 ? -6.286  -7.826  -0.731  1.00 26.01  ? 325 THR E CG2 1 
ATOM   285 N N   . TRP A 1 36 ? -8.411  -5.636  0.104   1.00 18.98  ? 326 TRP E N   1 
ATOM   286 C CA  . TRP A 1 36 ? -9.743  -5.283  -0.317  1.00 16.97  ? 326 TRP E CA  1 
ATOM   287 C C   . TRP A 1 36 ? -9.781  -5.240  -1.824  1.00 15.93  ? 326 TRP E C   1 
ATOM   288 O O   . TRP A 1 36 ? -8.741  -5.285  -2.489  1.00 7.81   ? 326 TRP E O   1 
ATOM   289 C CB  . TRP A 1 36 ? -10.209 -3.966  0.344   1.00 12.35  ? 326 TRP E CB  1 
ATOM   290 C CG  . TRP A 1 36 ? -9.378  -2.703  0.116   1.00 9.48   ? 326 TRP E CG  1 
ATOM   291 C CD1 . TRP A 1 36 ? -8.368  -2.229  0.896   1.00 9.04   ? 326 TRP E CD1 1 
ATOM   292 C CD2 . TRP A 1 36 ? -9.562  -1.739  -0.924  1.00 7.60   ? 326 TRP E CD2 1 
ATOM   293 N NE1 . TRP A 1 36 ? -7.911  -1.023  0.408   1.00 3.80   ? 326 TRP E NE1 1 
ATOM   294 C CE2 . TRP A 1 36 ? -8.641  -0.696  -0.694  1.00 8.52   ? 326 TRP E CE2 1 
ATOM   295 C CE3 . TRP A 1 36 ? -10.414 -1.657  -2.011  1.00 5.29   ? 326 TRP E CE3 1 
ATOM   296 C CZ2 . TRP A 1 36 ? -8.555  0.416   -1.514  1.00 10.36  ? 326 TRP E CZ2 1 
ATOM   297 C CZ3 . TRP A 1 36 ? -10.336 -0.568  -2.820  1.00 7.65   ? 326 TRP E CZ3 1 
ATOM   298 C CH2 . TRP A 1 36 ? -9.409  0.473   -2.573  1.00 9.42   ? 326 TRP E CH2 1 
ATOM   299 N N   . HIS A 1 37 ? -10.971 -5.218  -2.382  1.00 16.01  ? 327 HIS E N   1 
ATOM   300 C CA  . HIS A 1 37 ? -11.067 -5.199  -3.820  1.00 15.06  ? 327 HIS E CA  1 
ATOM   301 C C   . HIS A 1 37 ? -12.323 -4.403  -4.156  1.00 17.49  ? 327 HIS E C   1 
ATOM   302 O O   . HIS A 1 37 ? -13.139 -4.148  -3.274  1.00 12.16  ? 327 HIS E O   1 
ATOM   303 C CB  . HIS A 1 37 ? -11.178 -6.647  -4.319  1.00 14.72  ? 327 HIS E CB  1 
ATOM   304 C CG  . HIS A 1 37 ? -12.468 -7.311  -3.952  1.00 17.47  ? 327 HIS E CG  1 
ATOM   305 N ND1 . HIS A 1 37 ? -12.602 -8.124  -2.847  1.00 20.39  ? 327 HIS E ND1 1 
ATOM   306 C CD2 . HIS A 1 37 ? -13.705 -7.228  -4.508  1.00 21.31  ? 327 HIS E CD2 1 
ATOM   307 C CE1 . HIS A 1 37 ? -13.865 -8.505  -2.730  1.00 21.38  ? 327 HIS E CE1 1 
ATOM   308 N NE2 . HIS A 1 37 ? -14.555 -7.974  -3.726  1.00 17.75  ? 327 HIS E NE2 1 
ATOM   309 N N   . TRP A 1 38 ? -12.479 -4.024  -5.420  1.00 17.80  ? 328 TRP E N   1 
ATOM   310 C CA  . TRP A 1 38 ? -13.662 -3.304  -5.833  1.00 22.83  ? 328 TRP E CA  1 
ATOM   311 C C   . TRP A 1 38 ? -14.757 -4.319  -6.010  1.00 21.94  ? 328 TRP E C   1 
ATOM   312 O O   . TRP A 1 38 ? -14.570 -5.351  -6.652  1.00 24.40  ? 328 TRP E O   1 
ATOM   313 C CB  . TRP A 1 38 ? -13.465 -2.601  -7.174  1.00 5.38   ? 328 TRP E CB  1 
ATOM   314 C CG  . TRP A 1 38 ? -12.461 -1.477  -7.104  1.00 12.44  ? 328 TRP E CG  1 
ATOM   315 C CD1 . TRP A 1 38 ? -11.308 -1.404  -7.805  1.00 5.41   ? 328 TRP E CD1 1 
ATOM   316 C CD2 . TRP A 1 38 ? -12.468 -0.331  -6.206  1.00 14.37  ? 328 TRP E CD2 1 
ATOM   317 N NE1 . TRP A 1 38 ? -10.579 -0.304  -7.409  1.00 12.75  ? 328 TRP E NE1 1 
ATOM   318 C CE2 . TRP A 1 38 ? -11.262 0.379   -6.437  1.00 9.98   ? 328 TRP E CE2 1 
ATOM   319 C CE3 . TRP A 1 38 ? -13.365 0.153   -5.231  1.00 12.78  ? 328 TRP E CE3 1 
ATOM   320 C CZ2 . TRP A 1 38 ? -10.914 1.567   -5.732  1.00 9.47   ? 328 TRP E CZ2 1 
ATOM   321 C CZ3 . TRP A 1 38 ? -13.018 1.341   -4.517  1.00 14.00  ? 328 TRP E CZ3 1 
ATOM   322 C CH2 . TRP A 1 38 ? -11.792 2.029   -4.785  1.00 9.81   ? 328 TRP E CH2 1 
ATOM   323 N N   . THR A 1 39 ? -15.926 -3.985  -5.513  1.00 25.18  ? 329 THR E N   1 
ATOM   324 C CA  . THR A 1 39 ? -17.102 -4.816  -5.607  1.00 24.51  ? 329 THR E CA  1 
ATOM   325 C C   . THR A 1 39 ? -17.457 -5.136  -7.074  1.00 33.09  ? 329 THR E C   1 
ATOM   326 O O   . THR A 1 39 ? -17.953 -6.221  -7.385  1.00 37.00  ? 329 THR E O   1 
ATOM   327 C CB  . THR A 1 39 ? -18.218 -4.099  -4.854  1.00 16.44  ? 329 THR E CB  1 
ATOM   328 O OG1 . THR A 1 39 ? -18.107 -4.411  -3.463  1.00 25.10  ? 329 THR E OG1 1 
ATOM   329 C CG2 . THR A 1 39 ? -19.539 -4.431  -5.351  1.00 34.15  ? 329 THR E CG2 1 
ATOM   330 N N   . CYS A 1 40 ? -17.195 -4.233  -7.997  1.00 40.38  ? 330 CYS E N   1 
ATOM   331 C CA  . CYS A 1 40 ? -17.513 -4.565  -9.377  1.00 53.07  ? 330 CYS E CA  1 
ATOM   332 C C   . CYS A 1 40 ? -16.638 -5.711  -9.925  1.00 60.49  ? 330 CYS E C   1 
ATOM   333 O O   . CYS A 1 40 ? -17.027 -6.433  -10.846 1.00 60.97  ? 330 CYS E O   1 
ATOM   334 C CB  . CYS A 1 40 ? -17.373 -3.334  -10.262 1.00 57.21  ? 330 CYS E CB  1 
ATOM   335 S SG  . CYS A 1 40 ? -15.693 -2.807  -10.508 1.00 59.77  ? 330 CYS E SG  1 
ATOM   336 N N   . THR A 1 41 ? -15.473 -5.897  -9.318  1.00 67.80  ? 331 THR E N   1 
ATOM   337 C CA  . THR A 1 41 ? -14.513 -6.886  -9.780  1.00 74.24  ? 331 THR E CA  1 
ATOM   338 C C   . THR A 1 41 ? -14.580 -8.305  -9.227  1.00 80.09  ? 331 THR E C   1 
ATOM   339 O O   . THR A 1 41 ? -14.502 -8.547  -8.011  1.00 75.69  ? 331 THR E O   1 
ATOM   340 C CB  . THR A 1 41 ? -13.065 -6.382  -9.582  1.00 73.99  ? 331 THR E CB  1 
ATOM   341 O OG1 . THR A 1 41 ? -12.818 -6.172  -8.187  1.00 72.44  ? 331 THR E OG1 1 
ATOM   342 C CG2 . THR A 1 41 ? -12.838 -5.063  -10.335 1.00 76.70  ? 331 THR E CG2 1 
ATOM   343 N N   . ASP A 1 42 ? -14.677 -9.238  -10.170 1.00 88.01  ? 332 ASP E N   1 
ATOM   344 C CA  . ASP A 1 42 ? -14.704 -10.669 -9.892  1.00 92.90  ? 332 ASP E CA  1 
ATOM   345 C C   . ASP A 1 42 ? -13.257 -11.122 -10.049 1.00 94.26  ? 332 ASP E C   1 
ATOM   346 O O   . ASP A 1 42 ? -12.881 -12.201 -9.582  1.00 97.05  ? 332 ASP E O   1 
ATOM   347 C CB  . ASP A 1 42 ? -15.603 -11.393 -10.916 1.00 96.72  ? 332 ASP E CB  1 
ATOM   348 C CG  . ASP A 1 42 ? -15.986 -12.811 -10.484 1.00 98.15  ? 332 ASP E CG  1 
ATOM   349 O OD1 . ASP A 1 42 ? -15.548 -13.257 -9.398  1.00 100.00 ? 332 ASP E OD1 1 
ATOM   350 O OD2 . ASP A 1 42 ? -16.743 -13.475 -11.227 1.00 95.36  ? 332 ASP E OD2 1 
ATOM   351 N N   . GLY A 1 43 ? -12.465 -10.281 -10.720 1.00 92.90  ? 333 GLY E N   1 
ATOM   352 C CA  . GLY A 1 43 ? -11.060 -10.556 -10.961 1.00 93.85  ? 333 GLY E CA  1 
ATOM   353 C C   . GLY A 1 43 ? -10.367 -10.973 -9.682  1.00 96.50  ? 333 GLY E C   1 
ATOM   354 O O   . GLY A 1 43 ? -9.854  -10.143 -8.919  1.00 96.60  ? 333 GLY E O   1 
ATOM   355 N N   . LYS A 1 44 ? -10.390 -12.279 -9.437  1.00 97.19  ? 334 LYS E N   1 
ATOM   356 C CA  . LYS A 1 44 ? -9.796  -12.857 -8.252  1.00 89.25  ? 334 LYS E CA  1 
ATOM   357 C C   . LYS A 1 44 ? -8.304  -12.570 -8.183  1.00 83.86  ? 334 LYS E C   1 
ATOM   358 O O   . LYS A 1 44 ? -7.600  -12.535 -9.199  1.00 84.13  ? 334 LYS E O   1 
ATOM   359 C CB  . LYS A 1 44 ? -10.051 -14.372 -8.215  1.00 89.74  ? 334 LYS E CB  1 
ATOM   360 C CG  . LYS A 1 44 ? -10.490 -14.907 -6.855  1.00 89.06  ? 334 LYS E CG  1 
ATOM   361 C CD  . LYS A 1 44 ? -9.428  -14.668 -5.790  1.00 93.64  ? 334 LYS E CD  1 
ATOM   362 C CE  . LYS A 1 44 ? -9.946  -14.988 -4.394  1.00 98.87  ? 334 LYS E CE  1 
ATOM   363 N NZ  . LYS A 1 44 ? -9.040  -14.469 -3.323  1.00 97.98  ? 334 LYS E NZ  1 
ATOM   364 N N   . HIS A 1 45 ? -7.867  -12.254 -6.973  1.00 78.11  ? 335 HIS E N   1 
ATOM   365 C CA  . HIS A 1 45 ? -6.470  -11.988 -6.669  1.00 69.69  ? 335 HIS E CA  1 
ATOM   366 C C   . HIS A 1 45 ? -5.735  -10.785 -7.236  1.00 69.11  ? 335 HIS E C   1 
ATOM   367 O O   . HIS A 1 45 ? -5.206  -10.014 -6.441  1.00 78.38  ? 335 HIS E O   1 
ATOM   368 C CB  . HIS A 1 45 ? -5.644  -13.244 -6.891  1.00 68.79  ? 335 HIS E CB  1 
ATOM   369 C CG  . HIS A 1 45 ? -5.468  -14.062 -5.657  1.00 62.27  ? 335 HIS E CG  1 
ATOM   370 N ND1 . HIS A 1 45 ? -4.269  -14.645 -5.314  1.00 57.30  ? 335 HIS E ND1 1 
ATOM   371 C CD2 . HIS A 1 45 ? -6.329  -14.348 -4.654  1.00 58.86  ? 335 HIS E CD2 1 
ATOM   372 C CE1 . HIS A 1 45 ? -4.395  -15.250 -4.148  1.00 65.35  ? 335 HIS E CE1 1 
ATOM   373 N NE2 . HIS A 1 45 ? -5.634  -15.085 -3.725  1.00 68.34  ? 335 HIS E NE2 1 
ATOM   374 N N   . LYS A 1 46 ? -5.677  -10.593 -8.560  1.00 65.56  ? 336 LYS E N   1 
ATOM   375 C CA  . LYS A 1 46 ? -4.913  -9.442  -9.080  1.00 60.14  ? 336 LYS E CA  1 
ATOM   376 C C   . LYS A 1 46 ? -5.622  -8.074  -9.010  1.00 54.72  ? 336 LYS E C   1 
ATOM   377 O O   . LYS A 1 46 ? -5.078  -7.031  -9.394  1.00 49.55  ? 336 LYS E O   1 
ATOM   378 C CB  . LYS A 1 46 ? -4.264  -9.736  -10.442 1.00 70.03  ? 336 LYS E CB  1 
ATOM   379 C CG  . LYS A 1 46 ? -3.105  -8.778  -10.748 1.00 81.48  ? 336 LYS E CG  1 
ATOM   380 C CD  . LYS A 1 46 ? -2.273  -9.142  -11.986 1.00 86.10  ? 336 LYS E CD  1 
ATOM   381 C CE  . LYS A 1 46 ? -1.000  -8.265  -12.051 1.00 89.72  ? 336 LYS E CE  1 
ATOM   382 N NZ  . LYS A 1 46 ? 0.052   -8.710  -13.028 1.00 90.24  ? 336 LYS E NZ  1 
ATOM   383 N N   . ASN A 1 47 ? -6.873  -8.120  -8.565  1.00 50.45  ? 337 ASN E N   1 
ATOM   384 C CA  . ASN A 1 47 ? -7.698  -6.934  -8.364  1.00 49.06  ? 337 ASN E CA  1 
ATOM   385 C C   . ASN A 1 47 ? -7.806  -6.689  -6.868  1.00 41.35  ? 337 ASN E C   1 
ATOM   386 O O   . ASN A 1 47 ? -8.834  -6.202  -6.374  1.00 51.97  ? 337 ASN E O   1 
ATOM   387 C CB  . ASN A 1 47 ? -9.101  -7.091  -8.968  1.00 58.54  ? 337 ASN E CB  1 
ATOM   388 C CG  . ASN A 1 47 ? -9.115  -6.916  -10.469 1.00 64.24  ? 337 ASN E CG  1 
ATOM   389 O OD1 . ASN A 1 47 ? -9.248  -7.884  -11.214 1.00 77.00  ? 337 ASN E OD1 1 
ATOM   390 N ND2 . ASN A 1 47 ? -9.013  -5.671  -10.927 1.00 64.86  ? 337 ASN E ND2 1 
ATOM   391 N N   . ALA A 1 48 ? -6.761  -7.087  -6.146  1.00 24.93  ? 338 ALA E N   1 
ATOM   392 C CA  . ALA A 1 48 ? -6.712  -6.909  -4.703  1.00 15.04  ? 338 ALA E CA  1 
ATOM   393 C C   . ALA A 1 48 ? -5.919  -5.612  -4.451  1.00 19.51  ? 338 ALA E C   1 
ATOM   394 O O   . ALA A 1 48 ? -5.072  -5.223  -5.279  1.00 14.52  ? 338 ALA E O   1 
ATOM   395 C CB  . ALA A 1 48 ? -6.063  -8.119  -4.058  1.00 11.15  ? 338 ALA E CB  1 
ATOM   396 N N   . ILE A 1 49 ? -6.343  -4.842  -3.449  1.00 14.99  ? 339 ILE E N   1 
ATOM   397 C CA  . ILE A 1 49 ? -5.680  -3.603  -3.113  1.00 14.79  ? 339 ILE E CA  1 
ATOM   398 C C   . ILE A 1 49 ? -5.430  -3.502  -1.614  1.00 13.50  ? 339 ILE E C   1 
ATOM   399 O O   . ILE A 1 49 ? -6.112  -4.112  -0.809  1.00 18.81  ? 339 ILE E O   1 
ATOM   400 C CB  . ILE A 1 49 ? -6.506  -2.382  -3.520  1.00 18.78  ? 339 ILE E CB  1 
ATOM   401 C CG1 . ILE A 1 49 ? -6.853  -2.431  -4.997  1.00 13.01  ? 339 ILE E CG1 1 
ATOM   402 C CG2 . ILE A 1 49 ? -5.703  -1.100  -3.252  1.00 16.50  ? 339 ILE E CG2 1 
ATOM   403 C CD1 . ILE A 1 49 ? -7.847  -1.361  -5.383  1.00 19.30  ? 339 ILE E CD1 1 
ATOM   404 N N   . VAL A 1 50 ? -4.435  -2.709  -1.259  1.00 6.91   ? 340 VAL E N   1 
ATOM   405 C CA  . VAL A 1 50 ? -4.032  -2.490  0.109   1.00 7.88   ? 340 VAL E CA  1 
ATOM   406 C C   . VAL A 1 50 ? -3.725  -0.990  0.149   1.00 6.96   ? 340 VAL E C   1 
ATOM   407 O O   . VAL A 1 50 ? -3.229  -0.412  -0.817  1.00 8.36   ? 340 VAL E O   1 
ATOM   408 C CB  . VAL A 1 50 ? -2.795  -3.413  0.396   1.00 17.82  ? 340 VAL E CB  1 
ATOM   409 C CG1 . VAL A 1 50 ? -1.987  -2.964  1.597   1.00 23.75  ? 340 VAL E CG1 1 
ATOM   410 C CG2 . VAL A 1 50 ? -3.264  -4.835  0.601   1.00 19.25  ? 340 VAL E CG2 1 
ATOM   411 N N   . THR A 1 51 ? -4.180  -0.356  1.221   1.00 18.78  ? 341 THR E N   1 
ATOM   412 C CA  . THR A 1 51 ? -4.010  1.071   1.452   1.00 20.89  ? 341 THR E CA  1 
ATOM   413 C C   . THR A 1 51 ? -3.062  1.223   2.618   1.00 16.18  ? 341 THR E C   1 
ATOM   414 O O   . THR A 1 51 ? -3.121  0.432   3.537   1.00 10.58  ? 341 THR E O   1 
ATOM   415 C CB  . THR A 1 51 ? -5.370  1.696   1.853   1.00 16.74  ? 341 THR E CB  1 
ATOM   416 O OG1 . THR A 1 51 ? -6.326  1.457   0.809   1.00 12.59  ? 341 THR E OG1 1 
ATOM   417 C CG2 . THR A 1 51 ? -5.261  3.193   2.107   1.00 7.38   ? 341 THR E CG2 1 
ATOM   418 N N   . LEU A 1 52 ? -2.147  2.182   2.539   1.00 6.48   ? 342 LEU E N   1 
ATOM   419 C CA  . LEU A 1 52 ? -1.192  2.454   3.627   1.00 6.44   ? 342 LEU E CA  1 
ATOM   420 C C   . LEU A 1 52 ? -1.327  3.930   3.845   1.00 8.47   ? 342 LEU E C   1 
ATOM   421 O O   . LEU A 1 52 ? -1.607  4.645   2.889   1.00 9.98   ? 342 LEU E O   1 
ATOM   422 C CB  . LEU A 1 52 ? 0.267   2.221   3.223   1.00 9.78   ? 342 LEU E CB  1 
ATOM   423 C CG  . LEU A 1 52 ? 1.071   0.969   2.845   1.00 12.58  ? 342 LEU E CG  1 
ATOM   424 C CD1 . LEU A 1 52 ? 1.635   0.273   4.044   1.00 5.54   ? 342 LEU E CD1 1 
ATOM   425 C CD2 . LEU A 1 52 ? 0.252   0.070   1.986   1.00 19.38  ? 342 LEU E CD2 1 
ATOM   426 N N   . THR A 1 53 ? -1.078  4.412   5.056   1.00 13.65  ? 343 THR E N   1 
ATOM   427 C CA  . THR A 1 53 ? -1.146  5.845   5.332   1.00 12.67  ? 343 THR E CA  1 
ATOM   428 C C   . THR A 1 53 ? 0.212   6.249   5.859   1.00 12.64  ? 343 THR E C   1 
ATOM   429 O O   . THR A 1 53 ? 1.003   5.379   6.255   1.00 19.46  ? 343 THR E O   1 
ATOM   430 C CB  . THR A 1 53 ? -2.221  6.207   6.367   1.00 18.71  ? 343 THR E CB  1 
ATOM   431 O OG1 . THR A 1 53 ? -1.889  5.636   7.633   1.00 18.81  ? 343 THR E OG1 1 
ATOM   432 C CG2 . THR A 1 53 ? -3.613  5.731   5.916   1.00 9.58   ? 343 THR E CG2 1 
ATOM   433 N N   . TYR A 1 54 ? 0.525   7.544   5.828   1.00 13.08  ? 344 TYR E N   1 
ATOM   434 C CA  . TYR A 1 54 ? 1.826   8.032   6.291   1.00 15.09  ? 344 TYR E CA  1 
ATOM   435 C C   . TYR A 1 54 ? 1.748   9.268   7.139   1.00 15.44  ? 344 TYR E C   1 
ATOM   436 O O   . TYR A 1 54 ? 0.780   10.048  7.053   1.00 17.00  ? 344 TYR E O   1 
ATOM   437 C CB  . TYR A 1 54 ? 2.694   8.345   5.091   1.00 7.25   ? 344 TYR E CB  1 
ATOM   438 C CG  . TYR A 1 54 ? 2.846   7.132   4.239   1.00 13.49  ? 344 TYR E CG  1 
ATOM   439 C CD1 . TYR A 1 54 ? 1.917   6.848   3.250   1.00 10.27  ? 344 TYR E CD1 1 
ATOM   440 C CD2 . TYR A 1 54 ? 3.875   6.240   4.455   1.00 14.04  ? 344 TYR E CD2 1 
ATOM   441 C CE1 . TYR A 1 54 ? 1.999   5.700   2.499   1.00 8.28   ? 344 TYR E CE1 1 
ATOM   442 C CE2 . TYR A 1 54 ? 3.969   5.090   3.716   1.00 17.44  ? 344 TYR E CE2 1 
ATOM   443 C CZ  . TYR A 1 54 ? 3.035   4.814   2.749   1.00 15.17  ? 344 TYR E CZ  1 
ATOM   444 O OH  . TYR A 1 54 ? 3.115   3.605   2.076   1.00 14.26  ? 344 TYR E OH  1 
ATOM   445 N N   . ILE A 1 55 ? 2.776   9.478   7.938   1.00 13.74  ? 345 ILE E N   1 
ATOM   446 C CA  . ILE A 1 55 ? 2.816   10.658  8.780   1.00 17.35  ? 345 ILE E CA  1 
ATOM   447 C C   . ILE A 1 55 ? 2.984   11.883  7.882   1.00 16.52  ? 345 ILE E C   1 
ATOM   448 O O   . ILE A 1 55 ? 2.460   12.970  8.146   1.00 22.86  ? 345 ILE E O   1 
ATOM   449 C CB  . ILE A 1 55 ? 4.005   10.611  9.778   1.00 15.47  ? 345 ILE E CB  1 
ATOM   450 C CG1 . ILE A 1 55 ? 3.899   9.383   10.687  1.00 15.50  ? 345 ILE E CG1 1 
ATOM   451 C CG2 . ILE A 1 55 ? 3.923   11.787  10.699  1.00 13.66  ? 345 ILE E CG2 1 
ATOM   452 C CD1 . ILE A 1 55 ? 5.126   9.138   11.561  1.00 10.21  ? 345 ILE E CD1 1 
ATOM   453 N N   . SER A 1 56 ? 3.748   11.711  6.819   1.00 15.75  ? 346 SER E N   1 
ATOM   454 C CA  . SER A 1 56 ? 4.030   12.825  5.947   1.00 10.72  ? 346 SER E CA  1 
ATOM   455 C C   . SER A 1 56 ? 4.472   12.342  4.598   1.00 9.61   ? 346 SER E C   1 
ATOM   456 O O   . SER A 1 56 ? 4.672   11.154  4.390   1.00 21.56  ? 346 SER E O   1 
ATOM   457 C CB  . SER A 1 56 ? 5.187   13.612  6.570   1.00 19.13  ? 346 SER E CB  1 
ATOM   458 O OG  . SER A 1 56 ? 6.395   12.847  6.579   1.00 19.76  ? 346 SER E OG  1 
ATOM   459 N N   . THR A 1 57 ? 4.565   13.277  3.660   1.00 15.44  ? 347 THR E N   1 
ATOM   460 C CA  . THR A 1 57 ? 5.069   13.008  2.322   1.00 12.34  ? 347 THR E CA  1 
ATOM   461 C C   . THR A 1 57 ? 6.510   12.574  2.445   1.00 13.43  ? 347 THR E C   1 
ATOM   462 O O   . THR A 1 57 ? 6.950   11.686  1.724   1.00 24.71  ? 347 THR E O   1 
ATOM   463 C CB  . THR A 1 57 ? 4.989   14.225  1.461   1.00 13.29  ? 347 THR E CB  1 
ATOM   464 O OG1 . THR A 1 57 ? 3.626   14.617  1.387   1.00 17.87  ? 347 THR E OG1 1 
ATOM   465 C CG2 . THR A 1 57 ? 5.458   13.908  0.074   1.00 24.22  ? 347 THR E CG2 1 
ATOM   466 N N   . SER A 1 58 ? 7.255   13.162  3.370   1.00 14.68  ? 348 SER E N   1 
ATOM   467 C CA  . SER A 1 58 ? 8.651   12.748  3.526   1.00 21.91  ? 348 SER E CA  1 
ATOM   468 C C   . SER A 1 58 ? 8.726   11.249  3.868   1.00 25.66  ? 348 SER E C   1 
ATOM   469 O O   . SER A 1 58 ? 9.548   10.513  3.299   1.00 29.06  ? 348 SER E O   1 
ATOM   470 C CB  . SER A 1 58 ? 9.332   13.539  4.635   1.00 29.74  ? 348 SER E CB  1 
ATOM   471 O OG  . SER A 1 58 ? 10.684  13.122  4.765   1.00 40.66  ? 348 SER E OG  1 
ATOM   472 N N   . GLN A 1 59 ? 7.900   10.811  4.824   1.00 26.72  ? 349 GLN E N   1 
ATOM   473 C CA  . GLN A 1 59 ? 7.845   9.405   5.182   1.00 21.09  ? 349 GLN E CA  1 
ATOM   474 C C   . GLN A 1 59 ? 7.427   8.572   3.976   1.00 22.83  ? 349 GLN E C   1 
ATOM   475 O O   . GLN A 1 59 ? 8.014   7.511   3.700   1.00 20.44  ? 349 GLN E O   1 
ATOM   476 C CB  . GLN A 1 59 ? 6.892   9.151   6.329   1.00 14.63  ? 349 GLN E CB  1 
ATOM   477 C CG  . GLN A 1 59 ? 7.026   7.751   6.838   1.00 19.48  ? 349 GLN E CG  1 
ATOM   478 C CD  . GLN A 1 59 ? 6.023   7.405   7.891   1.00 15.60  ? 349 GLN E CD  1 
ATOM   479 O OE1 . GLN A 1 59 ? 4.832   7.630   7.715   1.00 19.09  ? 349 GLN E OE1 1 
ATOM   480 N NE2 . GLN A 1 59 ? 6.490   6.857   8.996   1.00 17.14  ? 349 GLN E NE2 1 
ATOM   481 N N   . ARG A 1 60 ? 6.444   9.054   3.218   1.00 16.35  ? 350 ARG E N   1 
ATOM   482 C CA  . ARG A 1 60 ? 6.045   8.297   2.029   1.00 17.31  ? 350 ARG E CA  1 
ATOM   483 C C   . ARG A 1 60 ? 7.193   8.130   1.039   1.00 16.40  ? 350 ARG E C   1 
ATOM   484 O O   . ARG A 1 60 ? 7.275   7.106   0.383   1.00 24.46  ? 350 ARG E O   1 
ATOM   485 C CB  . ARG A 1 60 ? 4.832   8.904   1.355   1.00 22.37  ? 350 ARG E CB  1 
ATOM   486 C CG  . ARG A 1 60 ? 4.282   8.025   0.261   1.00 31.64  ? 350 ARG E CG  1 
ATOM   487 C CD  . ARG A 1 60 ? 2.949   8.534   -0.236  1.00 34.62  ? 350 ARG E CD  1 
ATOM   488 N NE  . ARG A 1 60 ? 3.102   9.784   -0.955  1.00 39.47  ? 350 ARG E NE  1 
ATOM   489 C CZ  . ARG A 1 60 ? 2.094   10.495  -1.452  1.00 44.44  ? 350 ARG E CZ  1 
ATOM   490 N NH1 . ARG A 1 60 ? 0.829   10.088  -1.314  1.00 39.58  ? 350 ARG E NH1 1 
ATOM   491 N NH2 . ARG A 1 60 ? 2.349   11.648  -2.063  1.00 47.33  ? 350 ARG E NH2 1 
ATOM   492 N N   . ASP A 1 61 ? 8.000   9.189   0.862   1.00 23.37  ? 351 ASP E N   1 
ATOM   493 C CA  . ASP A 1 61 ? 9.163   9.181   -0.042  1.00 20.60  ? 351 ASP E CA  1 
ATOM   494 C C   . ASP A 1 61 ? 10.180  8.138   0.398   1.00 20.38  ? 351 ASP E C   1 
ATOM   495 O O   . ASP A 1 61 ? 10.629  7.327   -0.396  1.00 20.93  ? 351 ASP E O   1 
ATOM   496 C CB  . ASP A 1 61 ? 9.862   10.559  -0.066  1.00 23.58  ? 351 ASP E CB  1 
ATOM   497 C CG  . ASP A 1 61 ? 9.054   11.646  -0.785  1.00 25.18  ? 351 ASP E CG  1 
ATOM   498 O OD1 . ASP A 1 61 ? 8.437   11.373  -1.828  1.00 29.90  ? 351 ASP E OD1 1 
ATOM   499 O OD2 . ASP A 1 61 ? 9.077   12.804  -0.339  1.00 30.14  ? 351 ASP E OD2 1 
ATOM   500 N N   . ASP A 1 62 ? 10.499  8.160   1.691   1.00 19.51  ? 352 ASP E N   1 
ATOM   501 C CA  . ASP A 1 62 ? 11.435  7.222   2.308   1.00 16.86  ? 352 ASP E CA  1 
ATOM   502 C C   . ASP A 1 62 ? 10.944  5.806   2.157   1.00 21.41  ? 352 ASP E C   1 
ATOM   503 O O   . ASP A 1 62 ? 11.742  4.891   1.975   1.00 24.57  ? 352 ASP E O   1 
ATOM   504 C CB  . ASP A 1 62 ? 11.586  7.530   3.792   1.00 17.96  ? 352 ASP E CB  1 
ATOM   505 C CG  . ASP A 1 62 ? 12.222  8.883   4.049   1.00 24.09  ? 352 ASP E CG  1 
ATOM   506 O OD1 . ASP A 1 62 ? 12.737  9.517   3.102   1.00 28.08  ? 352 ASP E OD1 1 
ATOM   507 O OD2 . ASP A 1 62 ? 12.216  9.317   5.214   1.00 23.88  ? 352 ASP E OD2 1 
ATOM   508 N N   . PHE A 1 63 ? 9.628   5.612   2.314   1.00 22.38  ? 353 PHE E N   1 
ATOM   509 C CA  . PHE A 1 63 ? 9.019   4.299   2.145   1.00 15.78  ? 353 PHE E CA  1 
ATOM   510 C C   . PHE A 1 63 ? 9.225   3.828   0.704   1.00 17.22  ? 353 PHE E C   1 
ATOM   511 O O   . PHE A 1 63 ? 9.860   2.808   0.479   1.00 14.33  ? 353 PHE E O   1 
ATOM   512 C CB  . PHE A 1 63 ? 7.523   4.357   2.514   1.00 7.43   ? 353 PHE E CB  1 
ATOM   513 C CG  . PHE A 1 63 ? 6.764   3.036   2.273   1.00 13.96  ? 353 PHE E CG  1 
ATOM   514 C CD1 . PHE A 1 63 ? 6.740   2.028   3.245   1.00 5.64   ? 353 PHE E CD1 1 
ATOM   515 C CD2 . PHE A 1 63 ? 6.056   2.819   1.062   1.00 16.58  ? 353 PHE E CD2 1 
ATOM   516 C CE1 . PHE A 1 63 ? 6.045   0.849   3.028   1.00 9.43   ? 353 PHE E CE1 1 
ATOM   517 C CE2 . PHE A 1 63 ? 5.342   1.620   0.827   1.00 10.43  ? 353 PHE E CE2 1 
ATOM   518 C CZ  . PHE A 1 63 ? 5.339   0.635   1.813   1.00 8.79   ? 353 PHE E CZ  1 
ATOM   519 N N   . LEU A 1 64 ? 8.845   4.632   -0.280  1.00 26.27  ? 354 LEU E N   1 
ATOM   520 C CA  . LEU A 1 64 ? 8.997   4.199   -1.662  1.00 25.66  ? 354 LEU E CA  1 
ATOM   521 C C   . LEU A 1 64 ? 10.416  3.916   -2.057  1.00 30.18  ? 354 LEU E C   1 
ATOM   522 O O   . LEU A 1 64 ? 10.669  2.970   -2.780  1.00 38.13  ? 354 LEU E O   1 
ATOM   523 C CB  . LEU A 1 64 ? 8.350   5.188   -2.641  1.00 23.08  ? 354 LEU E CB  1 
ATOM   524 C CG  . LEU A 1 64 ? 6.823   5.219   -2.561  1.00 27.68  ? 354 LEU E CG  1 
ATOM   525 C CD1 . LEU A 1 64 ? 6.250   6.225   -3.524  1.00 20.41  ? 354 LEU E CD1 1 
ATOM   526 C CD2 . LEU A 1 64 ? 6.284   3.809   -2.815  1.00 24.95  ? 354 LEU E CD2 1 
ATOM   527 N N   . ASN A 1 65 ? 11.338  4.745   -1.586  1.00 32.69  ? 355 ASN E N   1 
ATOM   528 C CA  . ASN A 1 65 ? 12.769  4.618   -1.879  1.00 28.95  ? 355 ASN E CA  1 
ATOM   529 C C   . ASN A 1 65 ? 13.472  3.442   -1.225  1.00 28.17  ? 355 ASN E C   1 
ATOM   530 O O   . ASN A 1 65 ? 14.495  2.989   -1.722  1.00 33.23  ? 355 ASN E O   1 
ATOM   531 C CB  . ASN A 1 65 ? 13.520  5.903   -1.519  1.00 27.82  ? 355 ASN E CB  1 
ATOM   532 C CG  . ASN A 1 65 ? 13.055  7.104   -2.329  1.00 34.26  ? 355 ASN E CG  1 
ATOM   533 O OD1 . ASN A 1 65 ? 12.430  6.972   -3.383  1.00 40.24  ? 355 ASN E OD1 1 
ATOM   534 N ND2 . ASN A 1 65 ? 13.382  8.283   -1.852  1.00 41.64  ? 355 ASN E ND2 1 
ATOM   535 N N   . THR A 1 66 ? 12.949  3.000   -0.083  1.00 24.80  ? 356 THR E N   1 
ATOM   536 C CA  . THR A 1 66 ? 13.511  1.904   0.698   1.00 23.06  ? 356 THR E CA  1 
ATOM   537 C C   . THR A 1 66 ? 12.870  0.530   0.562   1.00 23.91  ? 356 THR E C   1 
ATOM   538 O O   . THR A 1 66 ? 13.548  -0.475  0.483   1.00 35.35  ? 356 THR E O   1 
ATOM   539 C CB  . THR A 1 66 ? 13.399  2.256   2.173   1.00 27.12  ? 356 THR E CB  1 
ATOM   540 O OG1 . THR A 1 66 ? 13.924  3.568   2.378   1.00 37.18  ? 356 THR E OG1 1 
ATOM   541 C CG2 . THR A 1 66 ? 14.134  1.262   3.026   1.00 28.22  ? 356 THR E CG2 1 
ATOM   542 N N   . VAL A 1 67 ? 11.555  0.475   0.590   1.00 25.19  ? 357 VAL E N   1 
ATOM   543 C CA  . VAL A 1 67 ? 10.898  -0.799  0.527   1.00 24.80  ? 357 VAL E CA  1 
ATOM   544 C C   . VAL A 1 67 ? 10.886  -1.338  -0.907  1.00 32.26  ? 357 VAL E C   1 
ATOM   545 O O   . VAL A 1 67 ? 10.675  -0.587  -1.854  1.00 28.57  ? 357 VAL E O   1 
ATOM   546 C CB  . VAL A 1 67 ? 9.479   -0.643  1.092   1.00 26.15  ? 357 VAL E CB  1 
ATOM   547 C CG1 . VAL A 1 67 ? 8.765   -1.978  1.147   1.00 29.70  ? 357 VAL E CG1 1 
ATOM   548 C CG2 . VAL A 1 67 ? 9.554   -0.041  2.481   1.00 25.83  ? 357 VAL E CG2 1 
ATOM   549 N N   . VAL A 1 68 ? 11.105  -2.640  -1.067  1.00 39.42  ? 358 VAL E N   1 
ATOM   550 C CA  . VAL A 1 68 ? 11.103  -3.252  -2.397  1.00 35.14  ? 358 VAL E CA  1 
ATOM   551 C C   . VAL A 1 68 ? 9.668   -3.630  -2.739  1.00 32.25  ? 358 VAL E C   1 
ATOM   552 O O   . VAL A 1 68 ? 9.092   -4.540  -2.136  1.00 29.83  ? 358 VAL E O   1 
ATOM   553 C CB  . VAL A 1 68 ? 11.940  -4.576  -2.453  1.00 39.57  ? 358 VAL E CB  1 
ATOM   554 C CG1 . VAL A 1 68 ? 12.153  -5.021  -3.906  1.00 39.67  ? 358 VAL E CG1 1 
ATOM   555 C CG2 . VAL A 1 68 ? 13.273  -4.425  -1.719  1.00 46.37  ? 358 VAL E CG2 1 
ATOM   556 N N   . ILE A 1 69 ? 9.091   -2.909  -3.693  1.00 30.84  ? 359 ILE E N   1 
ATOM   557 C CA  . ILE A 1 69 ? 7.744   -3.187  -4.163  1.00 28.10  ? 359 ILE E CA  1 
ATOM   558 C C   . ILE A 1 69 ? 7.924   -3.844  -5.542  1.00 29.09  ? 359 ILE E C   1 
ATOM   559 O O   . ILE A 1 69 ? 8.291   -3.187  -6.526  1.00 33.23  ? 359 ILE E O   1 
ATOM   560 C CB  . ILE A 1 69 ? 6.878   -1.896  -4.257  1.00 22.12  ? 359 ILE E CB  1 
ATOM   561 C CG1 . ILE A 1 69 ? 6.706   -1.261  -2.878  1.00 16.72  ? 359 ILE E CG1 1 
ATOM   562 C CG2 . ILE A 1 69 ? 5.483   -2.221  -4.785  1.00 22.37  ? 359 ILE E CG2 1 
ATOM   563 C CD1 . ILE A 1 69 ? 5.900   -0.003  -2.916  1.00 20.89  ? 359 ILE E CD1 1 
ATOM   564 N N   . PRO A 1 70 ? 7.608   -5.144  -5.646  1.00 23.72  ? 360 PRO E N   1 
ATOM   565 C CA  . PRO A 1 70 ? 7.751   -5.877  -6.900  1.00 23.75  ? 360 PRO E CA  1 
ATOM   566 C C   . PRO A 1 70 ? 7.032   -5.271  -8.106  1.00 28.28  ? 360 PRO E C   1 
ATOM   567 O O   . PRO A 1 70 ? 6.147   -4.413  -7.960  1.00 32.47  ? 360 PRO E O   1 
ATOM   568 C CB  . PRO A 1 70 ? 7.214   -7.259  -6.539  1.00 17.37  ? 360 PRO E CB  1 
ATOM   569 C CG  . PRO A 1 70 ? 6.347   -7.013  -5.395  1.00 17.73  ? 360 PRO E CG  1 
ATOM   570 C CD  . PRO A 1 70 ? 7.115   -6.042  -4.598  1.00 17.46  ? 360 PRO E CD  1 
ATOM   571 N N   . ASN A 1 71 ? 7.476   -5.648  -9.303  1.00 31.59  ? 361 ASN E N   1 
ATOM   572 C CA  . ASN A 1 71 ? 6.875   -5.131  -10.530 1.00 35.49  ? 361 ASN E CA  1 
ATOM   573 C C   . ASN A 1 71 ? 5.485   -5.659  -10.755 1.00 30.15  ? 361 ASN E C   1 
ATOM   574 O O   . ASN A 1 71 ? 4.791   -5.203  -11.652 1.00 34.21  ? 361 ASN E O   1 
ATOM   575 C CB  . ASN A 1 71 ? 7.754   -5.413  -11.746 1.00 39.85  ? 361 ASN E CB  1 
ATOM   576 C CG  . ASN A 1 71 ? 9.113   -4.779  -11.621 1.00 46.82  ? 361 ASN E CG  1 
ATOM   577 O OD1 . ASN A 1 71 ? 10.138  -5.359  -12.013 1.00 56.07  ? 361 ASN E OD1 1 
ATOM   578 N ND2 . ASN A 1 71 ? 9.147   -3.588  -11.033 1.00 49.19  ? 361 ASN E ND2 1 
ATOM   579 N N   . THR A 1 72 ? 5.150   -6.737  -10.058 1.00 32.73  ? 362 THR E N   1 
ATOM   580 C CA  . THR A 1 72 ? 3.821   -7.315  -10.157 1.00 32.68  ? 362 THR E CA  1 
ATOM   581 C C   . THR A 1 72 ? 2.738   -6.487  -9.439  1.00 36.44  ? 362 THR E C   1 
ATOM   582 O O   . THR A 1 72 ? 1.533   -6.707  -9.632  1.00 39.23  ? 362 THR E O   1 
ATOM   583 C CB  . THR A 1 72 ? 3.835   -8.756  -9.654  1.00 35.45  ? 362 THR E CB  1 
ATOM   584 O OG1 . THR A 1 72 ? 4.651   -8.857  -8.476  1.00 33.07  ? 362 THR E OG1 1 
ATOM   585 C CG2 . THR A 1 72 ? 4.370   -9.662  -10.727 1.00 39.40  ? 362 THR E CG2 1 
ATOM   586 N N   . VAL A 1 73 ? 3.177   -5.500  -8.656  1.00 33.96  ? 363 VAL E N   1 
ATOM   587 C CA  . VAL A 1 73 ? 2.282   -4.636  -7.890  1.00 27.70  ? 363 VAL E CA  1 
ATOM   588 C C   . VAL A 1 73 ? 2.341   -3.211  -8.419  1.00 26.96  ? 363 VAL E C   1 
ATOM   589 O O   . VAL A 1 73 ? 3.421   -2.705  -8.702  1.00 21.29  ? 363 VAL E O   1 
ATOM   590 C CB  . VAL A 1 73 ? 2.689   -4.630  -6.389  1.00 26.20  ? 363 VAL E CB  1 
ATOM   591 C CG1 . VAL A 1 73 ? 1.771   -3.716  -5.571  1.00 21.64  ? 363 VAL E CG1 1 
ATOM   592 C CG2 . VAL A 1 73 ? 2.648   -6.064  -5.819  1.00 25.13  ? 363 VAL E CG2 1 
ATOM   593 N N   . SER A 1 74 ? 1.188   -2.559  -8.523  1.00 19.08  ? 364 SER E N   1 
ATOM   594 C CA  . SER A 1 74 ? 1.115   -1.186  -8.991  1.00 18.85  ? 364 SER E CA  1 
ATOM   595 C C   . SER A 1 74 ? 0.925   -0.248  -7.797  1.00 20.74  ? 364 SER E C   1 
ATOM   596 O O   . SER A 1 74 ? 0.096   -0.493  -6.909  1.00 26.18  ? 364 SER E O   1 
ATOM   597 C CB  . SER A 1 74 ? -0.038  -1.030  -9.965  1.00 24.46  ? 364 SER E CB  1 
ATOM   598 O OG  . SER A 1 74 ? 0.111   -1.975  -11.003 1.00 43.71  ? 364 SER E OG  1 
ATOM   599 N N   . VAL A 1 75 ? 1.687   0.834   -7.798  1.00 12.81  ? 365 VAL E N   1 
ATOM   600 C CA  . VAL A 1 75 ? 1.648   1.795   -6.719  1.00 11.90  ? 365 VAL E CA  1 
ATOM   601 C C   . VAL A 1 75 ? 1.021   3.083   -7.176  1.00 11.38  ? 365 VAL E C   1 
ATOM   602 O O   . VAL A 1 75 ? 1.362   3.588   -8.237  1.00 15.87  ? 365 VAL E O   1 
ATOM   603 C CB  . VAL A 1 75 ? 3.068   2.155   -6.304  1.00 12.68  ? 365 VAL E CB  1 
ATOM   604 C CG1 . VAL A 1 75 ? 3.065   3.148   -5.159  1.00 10.61  ? 365 VAL E CG1 1 
ATOM   605 C CG2 . VAL A 1 75 ? 3.835   0.907   -5.988  1.00 14.99  ? 365 VAL E CG2 1 
ATOM   606 N N   . SER A 1 76 ? 0.048   3.577   -6.422  1.00 14.56  ? 366 SER E N   1 
ATOM   607 C CA  . SER A 1 76 ? -0.549  4.869   -6.732  1.00 13.01  ? 366 SER E CA  1 
ATOM   608 C C   . SER A 1 76 ? -0.605  5.668   -5.436  1.00 12.83  ? 366 SER E C   1 
ATOM   609 O O   . SER A 1 76 ? -0.727  5.107   -4.360  1.00 16.24  ? 366 SER E O   1 
ATOM   610 C CB  . SER A 1 76 ? -1.887  4.765   -7.452  1.00 5.82   ? 366 SER E CB  1 
ATOM   611 O OG  . SER A 1 76 ? -2.812  3.969   -6.762  1.00 18.25  ? 366 SER E OG  1 
ATOM   612 N N   . THR A 1 77 ? -0.483  6.977   -5.540  1.00 15.25  ? 367 THR E N   1 
ATOM   613 C CA  . THR A 1 77 ? -0.466  7.832   -4.375  1.00 14.08  ? 367 THR E CA  1 
ATOM   614 C C   . THR A 1 77 ? -1.712  8.710   -4.287  1.00 15.94  ? 367 THR E C   1 
ATOM   615 O O   . THR A 1 77 ? -2.432  8.892   -5.260  1.00 18.16  ? 367 THR E O   1 
ATOM   616 C CB  . THR A 1 77 ? 0.820   8.713   -4.379  1.00 23.30  ? 367 THR E CB  1 
ATOM   617 O OG1 . THR A 1 77 ? 0.916   9.436   -5.613  1.00 28.26  ? 367 THR E OG1 1 
ATOM   618 C CG2 . THR A 1 77 ? 2.075   7.870   -4.217  1.00 19.48  ? 367 THR E CG2 1 
ATOM   619 N N   . GLY A 1 78 ? -1.968  9.268   -3.115  1.00 12.89  ? 368 GLY E N   1 
ATOM   620 C CA  . GLY A 1 78 ? -3.134  10.109  -2.972  1.00 8.36   ? 368 GLY E CA  1 
ATOM   621 C C   . GLY A 1 78 ? -3.151  10.649  -1.574  1.00 15.99  ? 368 GLY E C   1 
ATOM   622 O O   . GLY A 1 78 ? -2.180  10.453  -0.815  1.00 21.96  ? 368 GLY E O   1 
ATOM   623 N N   . TYR A 1 79 ? -4.191  11.418  -1.246  1.00 19.81  ? 369 TYR E N   1 
ATOM   624 C CA  . TYR A 1 79 ? -4.308  11.949  0.105   1.00 22.23  ? 369 TYR E CA  1 
ATOM   625 C C   . TYR A 1 79 ? -5.719  11.932  0.571   1.00 19.43  ? 369 TYR E C   1 
ATOM   626 O O   . TYR A 1 79 ? -6.649  11.956  -0.230  1.00 27.49  ? 369 TYR E O   1 
ATOM   627 C CB  . TYR A 1 79 ? -3.775  13.389  0.208   1.00 36.70  ? 369 TYR E CB  1 
ATOM   628 C CG  . TYR A 1 79 ? -4.707  14.502  -0.278  1.00 50.62  ? 369 TYR E CG  1 
ATOM   629 C CD1 . TYR A 1 79 ? -5.943  14.747  0.335   1.00 54.28  ? 369 TYR E CD1 1 
ATOM   630 C CD2 . TYR A 1 79 ? -4.310  15.373  -1.280  1.00 61.05  ? 369 TYR E CD2 1 
ATOM   631 C CE1 . TYR A 1 79 ? -6.745  15.813  -0.043  1.00 56.09  ? 369 TYR E CE1 1 
ATOM   632 C CE2 . TYR A 1 79 ? -5.106  16.455  -1.644  1.00 63.16  ? 369 TYR E CE2 1 
ATOM   633 C CZ  . TYR A 1 79 ? -6.312  16.664  -1.035  1.00 61.09  ? 369 TYR E CZ  1 
ATOM   634 O OH  . TYR A 1 79 ? -7.077  17.737  -1.437  1.00 68.50  ? 369 TYR E OH  1 
ATOM   635 N N   . MET A 1 80 ? -5.865  11.984  1.886   1.00 13.17  ? 370 MET E N   1 
ATOM   636 C CA  . MET A 1 80 ? -7.167  12.062  2.507   1.00 15.39  ? 370 MET E CA  1 
ATOM   637 C C   . MET A 1 80 ? -7.122  13.314  3.339   1.00 18.56  ? 370 MET E C   1 
ATOM   638 O O   . MET A 1 80 ? -6.119  13.614  3.975   1.00 18.25  ? 370 MET E O   1 
ATOM   639 C CB  . MET A 1 80 ? -7.401  10.869  3.424   1.00 18.29  ? 370 MET E CB  1 
ATOM   640 C CG  . MET A 1 80 ? -7.583  9.568   2.717   1.00 15.54  ? 370 MET E CG  1 
ATOM   641 S SD  . MET A 1 80 ? -9.110  9.575   1.866   1.00 21.90  ? 370 MET E SD  1 
ATOM   642 C CE  . MET A 1 80 ? -10.158 9.780   3.217   1.00 21.06  ? 370 MET E CE  1 
ATOM   643 N N   . THR A 1 81 ? -8.210  14.058  3.309   1.00 23.86  ? 371 THR E N   1 
ATOM   644 C CA  . THR A 1 81 ? -8.334  15.253  4.109   1.00 21.48  ? 371 THR E CA  1 
ATOM   645 C C   . THR A 1 81 ? -8.669  14.767  5.518   1.00 24.65  ? 371 THR E C   1 
ATOM   646 O O   . THR A 1 81 ? -9.416  13.784  5.703   1.00 20.76  ? 371 THR E O   1 
ATOM   647 C CB  . THR A 1 81 ? -9.441  16.135  3.533   1.00 15.91  ? 371 THR E CB  1 
ATOM   648 O OG1 . THR A 1 81 ? -9.031  16.566  2.224   1.00 17.07  ? 371 THR E OG1 1 
ATOM   649 C CG2 . THR A 1 81 ? -9.742  17.327  4.404   1.00 7.00   ? 371 THR E CG2 1 
ATOM   650 N N   . ILE A 1 82 ? -8.023  15.384  6.498   1.00 30.92  ? 372 ILE E N   1 
ATOM   651 C CA  . ILE A 1 82 ? -8.235  15.060  7.893   1.00 34.91  ? 372 ILE E CA  1 
ATOM   652 C C   . ILE A 1 82 ? -9.509  15.754  8.374   1.00 33.38  ? 372 ILE E C   1 
ATOM   653 O O   . ILE A 1 82 ? -10.299 15.071  9.056   1.00 35.20  ? 372 ILE E O   1 
ATOM   654 C CB  . ILE A 1 82 ? -7.054  15.497  8.769   1.00 32.61  ? 372 ILE E CB  1 
ATOM   655 C CG1 . ILE A 1 82 ? -5.764  14.844  8.282   1.00 36.11  ? 372 ILE E CG1 1 
ATOM   656 C CG2 . ILE A 1 82 ? -7.256  14.979  10.173  1.00 38.67  ? 372 ILE E CG2 1 
ATOM   657 C CD1 . ILE A 1 82 ? -4.528  15.349  8.979   1.00 39.48  ? 372 ILE E CD1 1 
ATOM   658 O OXT . ILE A 1 82 ? -9.725  16.947  8.041   1.00 31.75  ? 372 ILE E OXT 1 
HETATM 659 S S   . SO4 B 2 .  ? -6.329  -10.034 4.739   1.00 38.66  ? 1   SO4 E S   1 
HETATM 660 O O1  . SO4 B 2 .  ? -6.078  -9.183  5.897   1.00 36.18  ? 1   SO4 E O1  1 
HETATM 661 O O2  . SO4 B 2 .  ? -5.384  -11.128 4.647   1.00 41.62  ? 1   SO4 E O2  1 
HETATM 662 O O3  . SO4 B 2 .  ? -6.186  -9.228  3.556   1.00 46.97  ? 1   SO4 E O3  1 
HETATM 663 O O4  . SO4 B 2 .  ? -7.672  -10.597 4.827   1.00 49.11  ? 1   SO4 E O4  1 
HETATM 664 S S   . SO4 C 2 .  ? -8.447  3.757   0.281   1.00 73.42  ? 2   SO4 E S   1 
HETATM 665 O O1  . SO4 C 2 .  ? -7.099  4.311   0.451   1.00 73.42  ? 2   SO4 E O1  1 
HETATM 666 O O2  . SO4 C 2 .  ? -9.283  4.804   -0.330  1.00 73.42  ? 2   SO4 E O2  1 
HETATM 667 O O3  . SO4 C 2 .  ? -8.993  3.362   1.559   1.00 73.42  ? 2   SO4 E O3  1 
HETATM 668 O O4  . SO4 C 2 .  ? -8.365  2.631   -0.648  1.00 73.42  ? 2   SO4 E O4  1 
HETATM 669 O O   . HOH D 3 .  ? -2.312  1.429   -7.279  1.00 34.78  ? 3   HOH E O   1 
HETATM 670 O O   . HOH D 3 .  ? -4.919  -15.108 -0.771  1.00 25.91  ? 4   HOH E O   1 
HETATM 671 O O   . HOH D 3 .  ? -9.504  -10.450 -6.187  1.00 44.25  ? 5   HOH E O   1 
HETATM 672 O O   . HOH D 3 .  ? -7.923  0.747   -8.873  1.00 34.10  ? 6   HOH E O   1 
HETATM 673 O O   . HOH D 3 .  ? 8.318   14.754  7.482   1.00 35.98  ? 7   HOH E O   1 
HETATM 674 O O   . HOH D 3 .  ? 0.150   -9.551  7.375   1.00 51.00  ? 8   HOH E O   1 
HETATM 675 O O   . HOH D 3 .  ? 0.289   -8.697  -9.062  1.00 47.73  ? 9   HOH E O   1 
HETATM 676 O O   . HOH D 3 .  ? -16.993 -8.845  -4.867  1.00 63.63  ? 10  HOH E O   1 
HETATM 677 O O   . HOH D 3 .  ? 4.077   1.115   11.073  1.00 44.16  ? 11  HOH E O   1 
HETATM 678 O O   . HOH D 3 .  ? 6.378   -1.126  -8.563  1.00 31.56  ? 12  HOH E O   1 
HETATM 679 O O   . HOH D 3 .  ? 1.829   -1.820  10.929  1.00 46.75  ? 13  HOH E O   1 
HETATM 680 O O   . HOH D 3 .  ? 5.217   -4.458  14.560  1.00 62.98  ? 14  HOH E O   1 
HETATM 681 O O   . HOH D 3 .  ? -2.310  -13.850 5.054   1.00 33.00  ? 15  HOH E O   1 
HETATM 682 O O   . HOH D 3 .  ? 3.919   1.410   -9.708  1.00 37.39  ? 16  HOH E O   1 
HETATM 683 O O   . HOH D 3 .  ? 5.519   -9.912  -2.327  1.00 35.75  ? 17  HOH E O   1 
HETATM 684 O O   . HOH D 3 .  ? -22.186 -11.715 -11.081 1.00 54.20  ? 18  HOH E O   1 
HETATM 685 O O   . HOH D 3 .  ? 1.131   15.267  6.072   1.00 52.60  ? 19  HOH E O   1 
HETATM 686 O O   . HOH D 3 .  ? -10.250 7.956   6.373   1.00 32.81  ? 20  HOH E O   1 
HETATM 687 O O   . HOH D 3 .  ? -8.099  4.148   -6.133  1.00 25.30  ? 21  HOH E O   1 
HETATM 688 O O   . HOH D 3 .  ? -15.267 -9.828  -0.749  1.00 44.52  ? 22  HOH E O   1 
HETATM 689 O O   . HOH D 3 .  ? 1.115   -11.078 -10.695 1.00 26.71  ? 23  HOH E O   1 
HETATM 690 O O   . HOH D 3 .  ? -10.037 0.668   -10.969 1.00 49.61  ? 24  HOH E O   1 
HETATM 691 O O   . HOH D 3 .  ? 2.858   -8.120  9.553   1.00 39.06  ? 25  HOH E O   1 
HETATM 692 O O   . HOH D 3 .  ? 7.867   16.972  -1.605  1.00 66.02  ? 26  HOH E O   1 
HETATM 693 O O   . HOH D 3 .  ? -13.709 11.912  9.459   1.00 46.04  ? 27  HOH E O   1 
HETATM 694 O O   . HOH D 3 .  ? -3.061  -4.364  -11.313 1.00 56.64  ? 28  HOH E O   1 
HETATM 695 O O   . HOH D 3 .  ? -0.431  2.206   14.839  1.00 66.45  ? 29  HOH E O   1 
HETATM 696 O O   . HOH D 3 .  ? -10.889 16.003  -0.506  1.00 19.05  ? 30  HOH E O   1 
HETATM 697 O O   . HOH D 3 .  ? -1.943  -0.958  10.565  1.00 18.53  ? 31  HOH E O   1 
HETATM 698 O O   . HOH D 3 .  ? -0.668  14.135  0.978   1.00 20.80  ? 32  HOH E O   1 
HETATM 699 O O   . HOH D 3 .  ? -3.338  -16.696 -6.352  1.00 42.42  ? 33  HOH E O   1 
HETATM 700 O O   . HOH D 3 .  ? 3.854   12.644  -5.605  1.00 43.45  ? 34  HOH E O   1 
HETATM 701 O O   . HOH D 3 .  ? -6.084  -20.044 1.195   1.00 53.26  ? 35  HOH E O   1 
HETATM 702 O O   . HOH D 3 .  ? -18.025 -14.276 -14.008 1.00 86.65  ? 36  HOH E O   1 
HETATM 703 O O   . HOH D 3 .  ? 4.115   6.538   15.798  1.00 60.90  ? 37  HOH E O   1 
HETATM 704 O O   . HOH D 3 .  ? -8.301  19.181  7.450   1.00 42.41  ? 38  HOH E O   1 
HETATM 705 O O   . HOH D 3 .  ? -6.226  18.544  10.745  1.00 45.13  ? 39  HOH E O   1 
HETATM 706 O O   . HOH D 3 .  ? -6.627  10.414  7.350   1.00 59.25  ? 40  HOH E O   1 
HETATM 707 O O   . HOH D 3 .  ? -8.897  11.335  6.885   1.00 20.40  ? 41  HOH E O   1 
HETATM 708 O O   . HOH D 3 .  ? -6.517  -2.585  -12.383 1.00 48.58  ? 42  HOH E O   1 
HETATM 709 O O   . HOH D 3 .  ? 4.751   -8.110  -14.642 1.00 55.04  ? 43  HOH E O   1 
HETATM 710 O O   . HOH D 3 .  ? -12.467 -10.479 -6.336  1.00 38.38  ? 44  HOH E O   1 
HETATM 711 O O   . HOH D 3 .  ? -18.479 -11.264 -12.372 1.00 61.76  ? 45  HOH E O   1 
HETATM 712 O O   . HOH D 3 .  ? 3.919   -5.125  9.619   1.00 38.96  ? 46  HOH E O   1 
HETATM 713 O O   . HOH D 3 .  ? 0.615   -5.344  9.225   1.00 40.28  ? 47  HOH E O   1 
HETATM 714 O O   . HOH D 3 .  ? 8.406   -6.888  14.090  1.00 62.92  ? 48  HOH E O   1 
HETATM 715 O O   . HOH D 3 .  ? -4.878  -7.760  7.925   1.00 60.05  ? 49  HOH E O   1 
HETATM 716 O O   . HOH D 3 .  ? 2.457   -15.786 -3.005  1.00 46.62  ? 50  HOH E O   1 
HETATM 717 O O   . HOH D 3 .  ? 5.438   10.419  -2.199  1.00 56.65  ? 51  HOH E O   1 
HETATM 718 O O   . HOH D 3 .  ? 7.771   13.351  -5.485  1.00 53.75  ? 52  HOH E O   1 
HETATM 719 O O   . HOH D 3 .  ? -1.935  19.021  5.569   1.00 56.30  ? 53  HOH E O   1 
HETATM 720 O O   . HOH D 3 .  ? -5.003  23.335  7.755   1.00 61.90  ? 54  HOH E O   1 
HETATM 721 O O   . HOH D 3 .  ? -1.330  15.331  8.039   1.00 46.41  ? 55  HOH E O   1 
HETATM 722 O O   . HOH D 3 .  ? 4.908   -13.678 -8.335  1.00 53.02  ? 56  HOH E O   1 
HETATM 723 O O   . HOH D 3 .  ? -0.209  -9.760  9.828   1.00 65.14  ? 57  HOH E O   1 
HETATM 724 O O   . HOH D 3 .  ? 6.475   -9.877  12.818  1.00 30.74  ? 58  HOH E O   1 
HETATM 725 O O   . HOH D 3 .  ? 0.839   11.182  12.968  1.00 37.57  ? 59  HOH E O   1 
HETATM 726 O O   . HOH D 3 .  ? 17.378  7.653   -2.376  1.00 41.50  ? 60  HOH E O   1 
HETATM 727 O O   . HOH D 3 .  ? 13.603  9.281   0.415   1.00 40.17  ? 61  HOH E O   1 
HETATM 728 O O   . HOH D 3 .  ? 11.584  11.241  -3.715  1.00 65.67  ? 62  HOH E O   1 
HETATM 729 O O   . HOH D 3 .  ? 19.395  14.950  -2.593  1.00 63.86  ? 63  HOH E O   1 
HETATM 730 O O   . HOH D 3 .  ? 10.587  -7.710  -9.344  1.00 35.45  ? 64  HOH E O   1 
HETATM 731 O O   . HOH D 3 .  ? -12.132 14.427  5.088   1.00 23.27  ? 65  HOH E O   1 
HETATM 732 O O   . HOH D 3 .  ? 11.620  -4.335  -7.190  1.00 63.27  ? 66  HOH E O   1 
HETATM 733 O O   . HOH D 3 .  ? -13.517 -18.394 -7.341  1.00 58.78  ? 67  HOH E O   1 
HETATM 734 O O   . HOH D 3 .  ? -11.815 -9.953  5.026   1.00 67.43  ? 68  HOH E O   1 
HETATM 735 O O   . HOH D 3 .  ? -12.174 -6.966  1.259   1.00 51.69  ? 69  HOH E O   1 
HETATM 736 O O   . HOH D 3 .  ? -10.114 12.765  13.724  1.00 71.44  ? 70  HOH E O   1 
HETATM 737 O O   . HOH D 3 .  ? -15.333 16.379  11.026  1.00 49.16  ? 71  HOH E O   1 
HETATM 738 O O   . HOH D 3 .  ? -10.177 21.207  5.629   1.00 67.61  ? 72  HOH E O   1 
HETATM 739 O O   . HOH D 3 .  ? 9.628   0.903   -3.531  1.00 47.45  ? 73  HOH E O   1 
HETATM 740 O O   . HOH D 3 .  ? -5.958  19.160  -4.563  1.00 54.92  ? 74  HOH E O   1 
HETATM 741 O O   . HOH D 3 .  ? -7.056  23.189  1.736   1.00 50.96  ? 75  HOH E O   1 
HETATM 742 O O   . HOH D 3 .  ? -3.112  19.903  3.101   1.00 35.95  ? 76  HOH E O   1 
# 
